data_4I2Z
#
_entry.id   4I2Z
#
_cell.length_a   86.633
_cell.length_b   86.633
_cell.length_c   815.015
_cell.angle_alpha   90.00
_cell.angle_beta   90.00
_cell.angle_gamma   120.00
#
_symmetry.space_group_name_H-M   'P 61 2 2'
#
loop_
_entity.id
_entity.type
_entity.pdbx_description
1 polymer 'Protein UNC-45'
2 polymer 'Heat shock protein 90'
3 water water
#
loop_
_entity_poly.entity_id
_entity_poly.type
_entity_poly.pdbx_seq_one_letter_code
_entity_poly.pdbx_strand_id
1 'polypeptide(L)'
;(MSE)VARVQTAEEIRDEGNAAVKDQDYIKADELYTEALQLTTDEDKALRPVLYRNRA(MSE)ARLKRDDFEGAQSDCTK
ALEFDGADVKALFRRSLAREQLGNVGPAFQDAKEALRLSPNDKGIVEVLQRLVKANNDKIKQTTSLANKVTD(MSE)EKL
AFRGEAKDTEQK(MSE)TALNNLLVLCRESESGATGVWNQGALVPFVLNLINDASENEEVTVTAIRILDETIKNSVRC
(MSE)KFLA(MSE)HDPDGPKSVRFVCRL(MSE)CKKSTKDFVDATGILVQRVFNA(MSE)AK(MSE)DRQKE(MSE)KP
DPEVAEANKIWIIRVLLELQE(MSE)LQDPKVGAVQRETCIDLFLKNL(MSE)H(MSE)DGGIPRGWSWKFVEERGLLAL
LDVASQIPELCEYPVSAETRQHVAICLQRLEED(MSE)VFDTKRTIFKEKVD(MSE)FFNALISRCTNDDEGHKYRIKLS
CFLIT(MSE)LQGPVDIGINLITNDQLTPI(MSE)LE(MSE)AASQDHL(MSE)QGIAAELIVATVSKHERAIN(MSE)L
KVGIPVLRALYDSEDPTVKVRALVGLCKIGAAGGDDISKAT(MSE)KEEAVISLAKTCKKFLLETEKYSVDIRRYACEGL
SYLSLDADVKEWIVDDSLLLKALVLLAKKAGALCVYTLATIYANLSNAFEKPKVDEE(MSE)VKLAQFAKHHVPETHPKD
TEEYVEKRVRALVEEGAVPACVAVSKTESKNALELIARSLLAFAEYEDLRGRIIAEGGTVLCLRLTKEASGEGKIKAGHA
IAKLGAKADP(MSE)ISFPGQRAYEVVKPLCDLLHPDVEGKANYDSLLTLTNLASVSDSIRGRILKEKAIPKIEEFWF
(MSE)TDHEHLRAAAAELLLNLLFFEKFYEETVAPGTDRLKLWVLYSAEVEEERLSRASAAGFAILTEDENACARI
(MSE)DEIKSWPEVFKDIA(MSE)HEDAETQRRGL(MSE)GIANI(MSE)HSSNKLCSEIVSSEVFRVLVAVTKLGTINQ
ERAGSTEQAKRGLEAAEKFGLIKATDREIYERENQ(MSE)STIQE
;
A
2 'polypeptide(L)' EDASRMEEVD B
#
# COMPACT_ATOMS: atom_id res chain seq x y z
N VAL A 5 6.00 24.58 26.71
CA VAL A 5 6.54 23.21 26.79
C VAL A 5 5.41 22.18 26.88
N GLN A 6 5.80 20.92 26.98
CA GLN A 6 4.84 19.85 27.05
C GLN A 6 5.36 18.92 28.13
N THR A 7 4.86 19.03 29.38
CA THR A 7 5.34 18.14 30.45
C THR A 7 5.25 16.64 30.18
N ALA A 8 6.27 15.95 30.68
CA ALA A 8 6.40 14.52 30.58
C ALA A 8 5.08 13.90 30.98
N GLU A 9 4.53 14.40 32.08
CA GLU A 9 3.26 13.89 32.60
C GLU A 9 2.13 13.94 31.57
N GLU A 10 1.33 15.00 31.65
CA GLU A 10 0.17 15.21 30.78
C GLU A 10 0.20 14.62 29.38
N ILE A 11 1.37 14.56 28.77
CA ILE A 11 1.49 13.99 27.43
C ILE A 11 1.08 12.52 27.51
N ARG A 12 1.41 11.87 28.63
CA ARG A 12 1.10 10.47 28.85
C ARG A 12 -0.41 10.21 28.84
N ASP A 13 -1.15 11.01 29.61
CA ASP A 13 -2.60 10.87 29.69
C ASP A 13 -3.13 11.04 28.27
N GLU A 14 -2.54 12.01 27.58
CA GLU A 14 -2.93 12.31 26.20
C GLU A 14 -2.90 11.00 25.43
N GLY A 15 -2.06 10.08 25.89
CA GLY A 15 -1.95 8.78 25.24
C GLY A 15 -2.99 7.79 25.72
N ASN A 16 -3.12 7.66 27.04
CA ASN A 16 -4.09 6.73 27.64
C ASN A 16 -5.47 6.97 27.05
N ALA A 17 -5.72 8.23 26.68
CA ALA A 17 -6.98 8.63 26.08
C ALA A 17 -6.99 8.08 24.66
N ALA A 18 -5.84 8.15 24.00
CA ALA A 18 -5.71 7.65 22.64
C ALA A 18 -6.06 6.17 22.62
N VAL A 19 -5.71 5.48 23.70
CA VAL A 19 -5.99 4.07 23.82
C VAL A 19 -7.51 3.94 23.85
N LYS A 20 -8.10 4.66 24.80
CA LYS A 20 -9.55 4.67 24.99
C LYS A 20 -10.32 5.09 23.73
N ASP A 21 -9.71 5.89 22.87
CA ASP A 21 -10.37 6.32 21.63
C ASP A 21 -10.24 5.22 20.59
N GLN A 22 -9.45 4.19 20.93
CA GLN A 22 -9.21 3.05 20.07
C GLN A 22 -8.29 3.27 18.87
N ASP A 23 -7.47 4.33 18.92
CA ASP A 23 -6.51 4.58 17.85
C ASP A 23 -5.18 4.36 18.54
N TYR A 24 -4.80 3.10 18.56
CA TYR A 24 -3.57 2.65 19.22
C TYR A 24 -2.28 3.14 18.55
N ILE A 25 -2.39 3.53 17.28
CA ILE A 25 -1.23 4.02 16.55
C ILE A 25 -0.69 5.26 17.28
N LYS A 26 -1.58 6.20 17.56
CA LYS A 26 -1.20 7.44 18.24
C LYS A 26 -0.67 7.16 19.63
N ALA A 27 -1.37 6.27 20.34
CA ALA A 27 -0.98 5.90 21.69
C ALA A 27 0.49 5.49 21.69
N ASP A 28 0.82 4.55 20.82
CA ASP A 28 2.19 4.06 20.72
C ASP A 28 3.12 5.25 20.60
N GLU A 29 2.91 6.05 19.55
CA GLU A 29 3.74 7.22 19.29
C GLU A 29 3.71 8.17 20.48
N LEU A 30 2.51 8.51 20.93
CA LEU A 30 2.35 9.42 22.06
C LEU A 30 3.13 8.96 23.28
N TYR A 31 3.05 7.67 23.59
CA TYR A 31 3.77 7.14 24.75
C TYR A 31 5.28 7.23 24.58
N THR A 32 5.78 6.92 23.39
CA THR A 32 7.21 7.00 23.12
C THR A 32 7.63 8.46 23.15
N GLU A 33 6.81 9.28 22.54
CA GLU A 33 7.01 10.73 22.48
C GLU A 33 7.05 11.20 23.93
N ALA A 34 6.11 10.69 24.72
CA ALA A 34 5.99 11.01 26.14
C ALA A 34 7.26 10.61 26.86
N LEU A 35 7.69 9.37 26.60
CA LEU A 35 8.90 8.84 27.18
C LEU A 35 10.07 9.78 26.94
N GLN A 36 10.24 10.21 25.69
CA GLN A 36 11.31 11.12 25.30
C GLN A 36 11.53 12.20 26.35
N LEU A 37 10.49 12.98 26.58
CA LEU A 37 10.50 14.08 27.52
C LEU A 37 11.11 13.75 28.88
N THR A 38 10.76 12.59 29.43
CA THR A 38 11.29 12.17 30.72
C THR A 38 12.54 11.32 30.55
N THR A 39 13.43 11.34 31.54
CA THR A 39 14.66 10.56 31.48
C THR A 39 14.88 9.79 32.79
N ASP A 40 16.09 9.88 33.37
CA ASP A 40 16.38 9.20 34.63
C ASP A 40 16.37 10.13 35.85
N GLU A 41 15.36 11.00 35.87
CA GLU A 41 15.15 11.95 36.96
C GLU A 41 13.67 11.89 37.37
N ASP A 42 12.91 11.11 36.60
CA ASP A 42 11.48 10.90 36.83
C ASP A 42 11.26 9.42 37.16
N LYS A 43 12.35 8.66 37.18
CA LYS A 43 12.30 7.23 37.47
C LYS A 43 10.96 6.61 37.17
N ALA A 44 10.15 6.51 38.22
CA ALA A 44 8.82 5.91 38.21
C ALA A 44 7.93 6.22 37.01
N LEU A 45 7.90 7.47 36.58
CA LEU A 45 7.04 7.85 35.46
C LEU A 45 7.32 7.03 34.19
N ARG A 46 8.49 6.41 34.12
CA ARG A 46 8.85 5.60 32.95
C ARG A 46 8.14 4.24 32.93
N PRO A 47 8.51 3.35 33.87
CA PRO A 47 7.91 2.01 33.96
C PRO A 47 6.44 1.97 33.62
N VAL A 48 5.72 2.99 34.07
CA VAL A 48 4.29 3.08 33.82
C VAL A 48 4.06 3.28 32.34
N LEU A 49 4.94 4.07 31.72
CA LEU A 49 4.82 4.33 30.29
C LEU A 49 5.07 3.09 29.46
N TYR A 50 6.14 2.38 29.80
CA TYR A 50 6.47 1.15 29.08
C TYR A 50 5.30 0.19 29.23
N ARG A 51 4.85 0.01 30.47
CA ARG A 51 3.73 -0.87 30.80
C ARG A 51 2.51 -0.49 29.96
N ASN A 52 2.44 0.77 29.58
CA ASN A 52 1.31 1.21 28.79
C ASN A 52 1.56 0.98 27.32
N ARG A 53 2.61 1.62 26.80
CA ARG A 53 2.94 1.51 25.38
C ARG A 53 2.68 0.10 24.89
N ALA A 54 3.10 -0.86 25.70
CA ALA A 54 2.97 -2.28 25.38
C ALA A 54 1.55 -2.75 25.07
N ALA A 56 -0.68 -0.89 23.65
CA ALA A 56 -0.84 -0.29 22.32
C ALA A 56 -0.22 -1.19 21.28
N ARG A 57 1.08 -1.41 21.43
CA ARG A 57 1.85 -2.25 20.51
C ARG A 57 1.15 -3.57 20.38
N LEU A 58 0.80 -4.14 21.53
CA LEU A 58 0.15 -5.43 21.60
C LEU A 58 -1.08 -5.42 20.72
N LYS A 59 -1.74 -4.26 20.65
CA LYS A 59 -2.94 -4.09 19.85
C LYS A 59 -2.65 -3.87 18.36
N ARG A 60 -1.46 -3.36 18.05
CA ARG A 60 -1.09 -3.18 16.64
C ARG A 60 -0.14 -4.30 16.21
N ASP A 61 -0.24 -5.42 16.92
CA ASP A 61 0.53 -6.65 16.68
C ASP A 61 2.05 -6.51 16.71
N ASP A 62 2.51 -5.52 17.45
CA ASP A 62 3.95 -5.32 17.58
C ASP A 62 4.31 -6.11 18.82
N PHE A 63 4.30 -7.42 18.67
CA PHE A 63 4.61 -8.34 19.77
C PHE A 63 6.01 -8.15 20.31
N GLU A 64 6.97 -8.10 19.39
CA GLU A 64 8.37 -7.94 19.73
C GLU A 64 8.55 -6.63 20.48
N GLY A 65 7.66 -5.69 20.20
CA GLY A 65 7.70 -4.41 20.85
C GLY A 65 7.04 -4.53 22.20
N ALA A 66 5.85 -5.13 22.21
CA ALA A 66 5.11 -5.32 23.44
C ALA A 66 6.05 -5.99 24.42
N GLN A 67 6.61 -7.14 24.02
CA GLN A 67 7.55 -7.88 24.86
C GLN A 67 8.65 -6.98 25.45
N SER A 68 9.34 -6.24 24.59
CA SER A 68 10.41 -5.33 24.99
C SER A 68 9.96 -4.40 26.13
N ASP A 69 8.82 -3.74 25.93
CA ASP A 69 8.29 -2.79 26.93
C ASP A 69 7.95 -3.42 28.26
N CYS A 70 7.33 -4.59 28.20
CA CYS A 70 6.96 -5.30 29.41
C CYS A 70 8.19 -5.57 30.24
N THR A 71 9.11 -6.38 29.72
CA THR A 71 10.31 -6.68 30.47
C THR A 71 11.01 -5.41 30.86
N LYS A 72 10.81 -4.36 30.07
CA LYS A 72 11.41 -3.06 30.35
C LYS A 72 10.76 -2.48 31.60
N ALA A 73 9.49 -2.85 31.80
CA ALA A 73 8.72 -2.41 32.98
C ALA A 73 9.18 -3.19 34.21
N LEU A 74 9.16 -4.52 34.10
CA LEU A 74 9.58 -5.41 35.17
C LEU A 74 10.98 -5.06 35.66
N GLU A 75 11.80 -4.54 34.76
CA GLU A 75 13.16 -4.15 35.12
C GLU A 75 13.10 -3.34 36.40
N PHE A 76 12.02 -2.56 36.53
CA PHE A 76 11.79 -1.68 37.67
C PHE A 76 11.17 -2.44 38.85
N ASP A 77 9.94 -2.90 38.64
CA ASP A 77 9.18 -3.61 39.66
C ASP A 77 8.76 -4.99 39.15
N GLY A 78 9.52 -6.02 39.54
CA GLY A 78 9.21 -7.37 39.10
C GLY A 78 7.78 -7.82 39.32
N ALA A 79 7.06 -7.09 40.16
CA ALA A 79 5.67 -7.42 40.49
C ALA A 79 4.65 -6.93 39.46
N ASP A 80 5.03 -5.89 38.70
CA ASP A 80 4.17 -5.28 37.67
C ASP A 80 3.27 -6.29 36.95
N VAL A 81 2.19 -6.70 37.61
CA VAL A 81 1.27 -7.69 37.04
C VAL A 81 0.81 -7.33 35.64
N LYS A 82 0.68 -6.03 35.36
CA LYS A 82 0.23 -5.59 34.05
C LYS A 82 1.32 -5.94 33.01
N ALA A 83 2.58 -5.85 33.43
CA ALA A 83 3.71 -6.17 32.56
C ALA A 83 3.72 -7.66 32.24
N LEU A 84 3.85 -8.47 33.28
CA LEU A 84 3.87 -9.93 33.14
C LEU A 84 2.69 -10.47 32.36
N PHE A 85 1.52 -9.84 32.49
CA PHE A 85 0.38 -10.32 31.74
C PHE A 85 0.56 -10.16 30.24
N ARG A 86 0.86 -8.93 29.83
CA ARG A 86 1.05 -8.61 28.41
C ARG A 86 2.29 -9.30 27.81
N ARG A 87 3.38 -9.33 28.57
CA ARG A 87 4.61 -9.97 28.09
C ARG A 87 4.37 -11.43 27.76
N SER A 88 3.42 -12.03 28.46
CA SER A 88 3.09 -13.42 28.19
C SER A 88 2.30 -13.44 26.89
N LEU A 89 1.24 -12.63 26.86
CA LEU A 89 0.37 -12.55 25.69
C LEU A 89 1.19 -12.26 24.45
N ALA A 90 2.32 -11.57 24.65
CA ALA A 90 3.24 -11.24 23.57
C ALA A 90 3.93 -12.53 23.15
N ARG A 91 4.68 -13.10 24.09
CA ARG A 91 5.39 -14.35 23.86
C ARG A 91 4.47 -15.42 23.29
N GLU A 92 3.27 -15.50 23.85
CA GLU A 92 2.28 -16.46 23.38
C GLU A 92 2.15 -16.38 21.85
N GLN A 93 2.10 -15.14 21.33
CA GLN A 93 1.94 -14.88 19.88
C GLN A 93 3.18 -15.17 19.08
N LEU A 94 4.33 -14.89 19.71
CA LEU A 94 5.64 -15.10 19.12
C LEU A 94 5.95 -16.58 19.03
N GLY A 95 4.91 -17.40 19.20
CA GLY A 95 5.08 -18.85 19.15
C GLY A 95 6.01 -19.36 20.23
N ASN A 96 6.36 -18.49 21.18
CA ASN A 96 7.28 -18.89 22.23
C ASN A 96 6.53 -19.21 23.52
N VAL A 97 5.53 -20.07 23.39
CA VAL A 97 4.66 -20.52 24.48
C VAL A 97 5.38 -20.91 25.78
N GLY A 98 6.64 -21.33 25.67
CA GLY A 98 7.40 -21.72 26.84
C GLY A 98 7.34 -20.70 27.97
N PRO A 99 8.39 -19.89 28.17
CA PRO A 99 8.34 -18.91 29.24
C PRO A 99 7.12 -18.01 29.11
N ALA A 100 6.31 -18.27 28.10
CA ALA A 100 5.08 -17.52 27.86
C ALA A 100 4.16 -17.87 29.01
N PHE A 101 3.96 -19.17 29.19
CA PHE A 101 3.12 -19.71 30.25
C PHE A 101 3.65 -19.28 31.63
N GLN A 102 4.89 -19.65 31.93
CA GLN A 102 5.48 -19.31 33.22
C GLN A 102 5.44 -17.82 33.53
N ASP A 103 4.90 -17.02 32.63
CA ASP A 103 4.77 -15.59 32.86
C ASP A 103 3.29 -15.32 33.14
N ALA A 104 2.43 -15.96 32.36
CA ALA A 104 0.98 -15.84 32.52
C ALA A 104 0.55 -16.62 33.76
N LYS A 105 1.51 -17.39 34.30
CA LYS A 105 1.29 -18.20 35.49
C LYS A 105 1.66 -17.28 36.65
N GLU A 106 2.96 -17.15 36.93
CA GLU A 106 3.45 -16.30 38.00
C GLU A 106 2.70 -14.96 38.05
N ALA A 107 2.02 -14.63 36.95
CA ALA A 107 1.23 -13.41 36.86
C ALA A 107 -0.03 -13.57 37.70
N LEU A 108 -0.72 -14.69 37.47
CA LEU A 108 -1.94 -15.08 38.16
C LEU A 108 -1.81 -15.01 39.69
N ARG A 109 -0.88 -15.77 40.24
CA ARG A 109 -0.70 -15.78 41.69
C ARG A 109 -0.36 -14.42 42.30
N LEU A 110 -0.56 -13.36 41.53
CA LEU A 110 -0.29 -12.01 42.01
C LEU A 110 -1.60 -11.25 42.01
N SER A 111 -2.60 -11.88 41.41
CA SER A 111 -3.95 -11.37 41.29
C SER A 111 -4.80 -12.60 41.01
N PRO A 112 -4.90 -13.51 41.99
CA PRO A 112 -5.65 -14.77 41.91
C PRO A 112 -6.95 -14.72 41.10
N ASN A 113 -7.75 -13.67 41.27
CA ASN A 113 -8.98 -13.59 40.50
C ASN A 113 -8.88 -12.51 39.45
N ASP A 114 -8.99 -12.92 38.18
CA ASP A 114 -8.93 -12.02 37.04
C ASP A 114 -9.30 -12.80 35.78
N LYS A 115 -10.58 -12.81 35.45
CA LYS A 115 -11.09 -13.52 34.28
C LYS A 115 -10.08 -13.48 33.13
N GLY A 116 -9.28 -12.41 33.11
CA GLY A 116 -8.28 -12.23 32.07
C GLY A 116 -7.12 -13.21 32.11
N ILE A 117 -6.26 -13.08 33.12
CA ILE A 117 -5.11 -13.97 33.25
C ILE A 117 -5.56 -15.41 32.98
N VAL A 118 -6.68 -15.77 33.61
CA VAL A 118 -7.25 -17.10 33.48
C VAL A 118 -7.51 -17.52 32.03
N GLU A 119 -8.26 -16.69 31.28
CA GLU A 119 -8.57 -17.02 29.89
C GLU A 119 -7.31 -17.31 29.08
N VAL A 120 -6.18 -16.78 29.53
CA VAL A 120 -4.88 -16.97 28.86
C VAL A 120 -4.27 -18.32 29.24
N LEU A 121 -4.10 -18.54 30.54
CA LEU A 121 -3.53 -19.79 31.02
C LEU A 121 -4.24 -20.99 30.44
N GLN A 122 -5.57 -20.91 30.27
CA GLN A 122 -6.29 -22.04 29.71
C GLN A 122 -5.76 -22.37 28.34
N ARG A 123 -5.52 -21.31 27.58
CA ARG A 123 -5.02 -21.40 26.23
C ARG A 123 -3.56 -21.88 26.27
N LEU A 124 -2.74 -21.21 27.08
CA LEU A 124 -1.33 -21.54 27.22
C LEU A 124 -1.12 -22.95 27.76
N VAL A 125 -2.19 -23.58 28.23
CA VAL A 125 -2.10 -24.93 28.75
C VAL A 125 -2.23 -25.89 27.58
N LYS A 126 -3.33 -25.81 26.84
CA LYS A 126 -3.49 -26.70 25.69
C LYS A 126 -2.29 -26.44 24.80
N ALA A 127 -1.48 -25.46 25.19
CA ALA A 127 -0.28 -25.05 24.48
C ALA A 127 0.93 -25.91 24.81
N ASN A 128 1.45 -25.77 26.03
CA ASN A 128 2.62 -26.56 26.44
C ASN A 128 2.30 -28.05 26.30
N ASN A 129 1.01 -28.40 26.31
CA ASN A 129 0.56 -29.78 26.16
C ASN A 129 0.94 -30.29 24.78
N ASP A 130 0.53 -29.55 23.74
CA ASP A 130 0.86 -29.92 22.36
C ASP A 130 2.24 -29.41 21.92
N LYS A 131 2.90 -28.62 22.79
CA LYS A 131 4.23 -28.07 22.52
C LYS A 131 5.21 -29.00 21.77
N ILE A 132 6.05 -29.68 22.53
CA ILE A 132 7.05 -30.59 21.98
C ILE A 132 6.59 -31.50 20.85
N LYS A 133 5.60 -32.35 21.12
CA LYS A 133 5.09 -33.27 20.12
C LYS A 133 4.66 -32.55 18.83
N GLN A 134 4.54 -31.23 18.91
CA GLN A 134 4.12 -30.41 17.77
C GLN A 134 5.25 -29.72 17.04
N THR A 135 6.27 -29.30 17.78
CA THR A 135 7.42 -28.64 17.17
C THR A 135 8.15 -29.64 16.27
N THR A 136 8.54 -30.77 16.86
CA THR A 136 9.25 -31.81 16.13
C THR A 136 8.54 -32.25 14.84
N SER A 137 7.29 -31.88 14.67
CA SER A 137 6.53 -32.26 13.48
C SER A 137 6.87 -31.33 12.32
N LEU A 138 7.15 -30.08 12.69
CA LEU A 138 7.51 -29.02 11.75
C LEU A 138 8.97 -29.27 11.42
N ALA A 139 9.76 -29.52 12.46
CA ALA A 139 11.17 -29.79 12.29
C ALA A 139 11.38 -30.81 11.17
N ASN A 140 10.40 -31.67 10.97
CA ASN A 140 10.47 -32.69 9.92
C ASN A 140 9.91 -32.16 8.62
N LYS A 141 8.88 -31.33 8.69
CA LYS A 141 8.31 -30.74 7.49
C LYS A 141 9.47 -29.91 6.91
N VAL A 142 10.12 -29.15 7.81
CA VAL A 142 11.26 -28.32 7.46
C VAL A 142 12.29 -29.18 6.74
N THR A 143 13.04 -29.98 7.50
CA THR A 143 14.08 -30.86 6.96
C THR A 143 13.77 -31.55 5.64
N ASP A 144 12.57 -32.12 5.53
CA ASP A 144 12.20 -32.79 4.29
C ASP A 144 12.23 -31.85 3.10
N GLU A 146 13.89 -28.80 3.17
CA GLU A 146 15.28 -28.35 3.21
C GLU A 146 16.13 -29.34 2.42
N LYS A 147 15.72 -30.60 2.50
CA LYS A 147 16.40 -31.70 1.84
C LYS A 147 16.27 -31.56 0.32
N LEU A 148 15.07 -31.27 -0.16
CA LEU A 148 14.88 -31.16 -1.60
C LEU A 148 15.28 -29.82 -2.17
N ALA A 149 15.25 -28.78 -1.33
CA ALA A 149 15.61 -27.44 -1.80
C ALA A 149 17.12 -27.26 -1.90
N PHE A 150 17.74 -26.95 -0.77
CA PHE A 150 19.18 -26.72 -0.74
C PHE A 150 20.10 -27.93 -0.83
N ARG A 151 20.00 -28.85 0.15
CA ARG A 151 20.87 -30.03 0.17
C ARG A 151 20.75 -30.93 -1.07
N GLY A 152 20.32 -30.32 -2.18
CA GLY A 152 20.18 -31.00 -3.45
C GLY A 152 19.66 -32.42 -3.51
N GLU A 153 19.01 -32.88 -2.44
CA GLU A 153 18.47 -34.23 -2.42
C GLU A 153 17.15 -34.25 -3.19
N ALA A 154 17.16 -33.67 -4.38
CA ALA A 154 15.97 -33.61 -5.22
C ALA A 154 16.39 -33.77 -6.67
N LYS A 155 15.49 -34.25 -7.52
CA LYS A 155 15.82 -34.42 -8.94
C LYS A 155 14.82 -33.67 -9.81
N ASP A 156 15.35 -32.84 -10.72
CA ASP A 156 14.55 -32.03 -11.64
C ASP A 156 14.27 -30.66 -11.03
N THR A 157 14.22 -29.62 -11.87
CA THR A 157 13.95 -28.27 -11.40
C THR A 157 12.68 -28.19 -10.55
N GLU A 158 11.54 -28.05 -11.22
CA GLU A 158 10.22 -27.95 -10.56
C GLU A 158 10.19 -28.49 -9.13
N GLN A 159 10.60 -29.74 -8.94
CA GLN A 159 10.62 -30.36 -7.63
C GLN A 159 11.36 -29.51 -6.61
N LYS A 160 12.54 -29.05 -6.98
CA LYS A 160 13.34 -28.21 -6.11
C LYS A 160 12.64 -26.87 -5.90
N THR A 162 9.39 -26.18 -5.90
CA THR A 162 8.26 -26.27 -4.99
C THR A 162 8.69 -26.45 -3.55
N ALA A 163 9.80 -27.15 -3.33
CA ALA A 163 10.30 -27.31 -1.96
C ALA A 163 10.54 -25.91 -1.44
N LEU A 164 11.31 -25.14 -2.21
CA LEU A 164 11.66 -23.76 -1.88
C LEU A 164 10.41 -22.94 -1.69
N ASN A 165 9.44 -23.17 -2.56
CA ASN A 165 8.19 -22.45 -2.52
C ASN A 165 7.40 -22.77 -1.26
N ASN A 166 7.29 -24.05 -0.95
CA ASN A 166 6.57 -24.46 0.24
C ASN A 166 7.30 -23.87 1.45
N LEU A 167 8.63 -23.88 1.39
CA LEU A 167 9.48 -23.35 2.46
C LEU A 167 9.19 -21.89 2.69
N LEU A 168 8.89 -21.19 1.61
CA LEU A 168 8.56 -19.78 1.65
C LEU A 168 7.14 -19.67 2.22
N VAL A 169 6.24 -20.49 1.68
CA VAL A 169 4.84 -20.53 2.12
C VAL A 169 4.74 -20.74 3.64
N LEU A 170 5.34 -21.84 4.12
CA LEU A 170 5.36 -22.18 5.53
C LEU A 170 6.10 -21.12 6.30
N CYS A 171 6.97 -20.39 5.61
CA CYS A 171 7.76 -19.35 6.24
C CYS A 171 6.92 -18.20 6.77
N ARG A 172 6.03 -17.67 5.95
CA ARG A 172 5.18 -16.56 6.37
C ARG A 172 3.94 -17.08 7.07
N GLU A 173 3.50 -18.28 6.66
CA GLU A 173 2.33 -18.98 7.22
C GLU A 173 1.98 -18.58 8.65
N SER A 174 2.93 -18.71 9.56
CA SER A 174 2.74 -18.36 10.97
C SER A 174 4.03 -17.79 11.54
N GLU A 175 4.04 -17.49 12.84
CA GLU A 175 5.23 -16.95 13.48
C GLU A 175 6.24 -18.06 13.72
N SER A 176 5.74 -19.28 13.80
CA SER A 176 6.58 -20.43 14.03
C SER A 176 7.12 -20.90 12.70
N GLY A 177 6.28 -20.82 11.69
CA GLY A 177 6.69 -21.23 10.35
C GLY A 177 7.97 -20.54 9.98
N ALA A 178 8.13 -19.31 10.45
CA ALA A 178 9.34 -18.55 10.17
C ALA A 178 10.46 -19.21 10.99
N THR A 179 10.41 -19.05 12.31
CA THR A 179 11.43 -19.62 13.19
C THR A 179 11.86 -21.01 12.77
N GLY A 180 10.92 -21.75 12.20
CA GLY A 180 11.21 -23.10 11.79
C GLY A 180 12.13 -23.10 10.59
N VAL A 181 11.73 -22.37 9.57
CA VAL A 181 12.52 -22.29 8.36
C VAL A 181 13.87 -21.64 8.66
N TRP A 182 13.90 -20.67 9.56
CA TRP A 182 15.16 -20.02 9.90
C TRP A 182 16.12 -21.07 10.40
N ASN A 183 15.56 -22.09 11.05
CA ASN A 183 16.38 -23.19 11.53
C ASN A 183 17.68 -22.70 12.15
N GLN A 184 17.58 -21.88 13.18
CA GLN A 184 18.76 -21.37 13.87
C GLN A 184 19.84 -20.67 13.03
N GLY A 185 19.49 -20.21 11.84
CA GLY A 185 20.48 -19.54 11.01
C GLY A 185 21.17 -20.45 10.02
N ALA A 186 20.61 -21.64 9.88
CA ALA A 186 21.15 -22.61 8.97
C ALA A 186 20.58 -22.32 7.60
N LEU A 187 19.62 -21.40 7.56
CA LEU A 187 18.98 -21.04 6.31
C LEU A 187 19.87 -20.08 5.56
N VAL A 188 20.50 -19.19 6.30
CA VAL A 188 21.37 -18.19 5.71
C VAL A 188 22.39 -18.83 4.77
N PRO A 189 23.27 -19.69 5.31
CA PRO A 189 24.26 -20.32 4.44
C PRO A 189 23.62 -20.86 3.16
N PHE A 190 22.64 -21.75 3.33
CA PHE A 190 21.97 -22.38 2.19
C PHE A 190 21.56 -21.38 1.12
N VAL A 191 21.15 -20.19 1.55
CA VAL A 191 20.73 -19.14 0.64
C VAL A 191 21.99 -18.51 0.01
N LEU A 192 22.98 -18.15 0.83
CA LEU A 192 24.21 -17.57 0.30
C LEU A 192 24.84 -18.51 -0.73
N ASN A 193 24.67 -19.81 -0.54
CA ASN A 193 25.20 -20.78 -1.47
C ASN A 193 24.54 -20.64 -2.81
N LEU A 194 23.25 -20.32 -2.84
CA LEU A 194 22.55 -20.18 -4.11
C LEU A 194 22.89 -18.85 -4.78
N ILE A 195 23.07 -17.82 -3.96
CA ILE A 195 23.42 -16.51 -4.47
C ILE A 195 24.76 -16.68 -5.16
N ASN A 196 25.70 -17.29 -4.44
CA ASN A 196 27.05 -17.55 -4.93
C ASN A 196 27.22 -18.51 -6.09
N ASP A 197 26.17 -19.17 -6.53
CA ASP A 197 26.38 -20.07 -7.64
C ASP A 197 26.04 -19.39 -8.93
N ALA A 198 27.05 -19.29 -9.77
CA ALA A 198 26.90 -18.66 -11.05
C ALA A 198 25.76 -19.25 -11.88
N SER A 199 25.65 -20.57 -11.86
CA SER A 199 24.65 -21.26 -12.68
C SER A 199 23.20 -21.44 -12.23
N GLU A 200 22.87 -21.17 -10.98
CA GLU A 200 21.48 -21.37 -10.55
C GLU A 200 20.51 -20.31 -11.03
N ASN A 201 19.35 -20.75 -11.52
CA ASN A 201 18.31 -19.87 -12.03
C ASN A 201 17.94 -18.71 -11.11
N GLU A 202 17.55 -17.59 -11.71
CA GLU A 202 17.17 -16.38 -10.97
C GLU A 202 15.97 -16.57 -10.07
N GLU A 203 14.95 -17.28 -10.58
CA GLU A 203 13.73 -17.52 -9.84
C GLU A 203 14.01 -18.32 -8.56
N VAL A 204 14.96 -19.25 -8.64
CA VAL A 204 15.36 -20.05 -7.50
C VAL A 204 15.99 -19.16 -6.43
N THR A 205 16.99 -18.41 -6.85
CA THR A 205 17.69 -17.51 -5.97
C THR A 205 16.71 -16.51 -5.40
N VAL A 206 16.00 -15.82 -6.27
CA VAL A 206 15.03 -14.85 -5.80
C VAL A 206 14.18 -15.45 -4.68
N THR A 207 13.53 -16.59 -4.94
CA THR A 207 12.70 -17.25 -3.94
C THR A 207 13.49 -17.53 -2.66
N ALA A 208 14.59 -18.24 -2.80
CA ALA A 208 15.44 -18.57 -1.68
C ALA A 208 15.72 -17.32 -0.86
N ILE A 209 15.85 -16.18 -1.54
CA ILE A 209 16.15 -14.92 -0.87
C ILE A 209 14.96 -14.44 -0.07
N ARG A 210 13.78 -14.54 -0.67
CA ARG A 210 12.53 -14.12 -0.04
C ARG A 210 12.23 -14.97 1.20
N ILE A 211 12.75 -16.19 1.22
CA ILE A 211 12.57 -17.06 2.37
C ILE A 211 13.44 -16.43 3.47
N LEU A 212 14.75 -16.34 3.22
CA LEU A 212 15.67 -15.74 4.19
C LEU A 212 15.17 -14.37 4.63
N ASP A 213 14.45 -13.74 3.71
CA ASP A 213 13.86 -12.42 3.89
C ASP A 213 12.96 -12.37 5.12
N GLU A 214 11.80 -13.01 5.01
CA GLU A 214 10.81 -13.03 6.09
C GLU A 214 11.39 -13.46 7.43
N THR A 215 12.32 -14.40 7.40
CA THR A 215 12.92 -14.89 8.63
C THR A 215 13.65 -13.79 9.38
N ILE A 216 14.04 -12.72 8.68
CA ILE A 216 14.74 -11.63 9.34
C ILE A 216 13.93 -10.34 9.59
N LYS A 217 12.62 -10.49 9.75
CA LYS A 217 11.77 -9.35 10.07
C LYS A 217 11.95 -9.26 11.57
N ASN A 218 12.41 -10.35 12.16
CA ASN A 218 12.64 -10.40 13.60
C ASN A 218 13.89 -9.60 13.95
N SER A 219 13.70 -8.54 14.73
CA SER A 219 14.81 -7.72 15.15
C SER A 219 16.00 -8.55 15.58
N VAL A 220 15.78 -9.55 16.42
CA VAL A 220 16.92 -10.32 16.87
C VAL A 220 17.55 -11.21 15.80
N ARG A 221 16.72 -11.85 14.97
CA ARG A 221 17.27 -12.70 13.91
C ARG A 221 18.02 -11.82 12.93
N CYS A 222 17.40 -10.71 12.54
CA CYS A 222 17.99 -9.77 11.61
C CYS A 222 19.34 -9.25 12.07
N LYS A 224 21.37 -10.46 13.99
CA LYS A 224 22.35 -11.53 14.11
C LYS A 224 22.81 -11.88 12.71
N PHE A 225 21.98 -11.56 11.74
CA PHE A 225 22.27 -11.80 10.36
C PHE A 225 23.26 -10.74 9.88
N LEU A 226 23.00 -9.48 10.25
CA LEU A 226 23.89 -8.41 9.86
C LEU A 226 25.31 -8.56 10.43
N ALA A 227 25.43 -8.96 11.70
CA ALA A 227 26.75 -9.11 12.32
C ALA A 227 27.48 -10.45 12.21
N HIS A 229 28.64 -12.26 9.58
CA HIS A 229 29.50 -12.60 8.44
C HIS A 229 30.99 -12.30 8.53
N ASP A 230 31.43 -11.87 9.71
CA ASP A 230 32.84 -11.55 9.94
C ASP A 230 32.96 -11.19 11.41
N PRO A 231 34.07 -11.56 12.05
CA PRO A 231 34.22 -11.22 13.46
C PRO A 231 34.31 -9.71 13.63
N ASP A 232 34.58 -9.02 12.53
CA ASP A 232 34.71 -7.57 12.54
C ASP A 232 33.45 -6.87 12.05
N GLY A 233 32.68 -6.33 12.99
CA GLY A 233 31.45 -5.65 12.70
C GLY A 233 31.42 -4.84 11.43
N PRO A 234 32.26 -3.80 11.32
CA PRO A 234 32.21 -3.03 10.06
C PRO A 234 32.27 -3.90 8.81
N LYS A 235 33.25 -4.81 8.76
CA LYS A 235 33.37 -5.68 7.59
C LYS A 235 32.09 -6.50 7.36
N SER A 236 31.47 -6.94 8.45
CA SER A 236 30.28 -7.75 8.33
C SER A 236 29.13 -6.98 7.73
N VAL A 237 29.09 -5.67 7.97
CA VAL A 237 28.04 -4.85 7.37
C VAL A 237 28.32 -4.75 5.88
N ARG A 238 29.59 -4.60 5.54
CA ARG A 238 29.97 -4.48 4.15
C ARG A 238 29.37 -5.65 3.41
N PHE A 239 29.76 -6.85 3.80
CA PHE A 239 29.29 -8.06 3.15
C PHE A 239 27.80 -8.03 2.77
N VAL A 240 26.94 -7.72 3.72
CA VAL A 240 25.50 -7.66 3.49
C VAL A 240 25.12 -6.65 2.43
N CYS A 241 25.50 -5.40 2.64
CA CYS A 241 25.19 -4.36 1.67
C CYS A 241 25.68 -4.77 0.28
N ARG A 242 26.86 -5.37 0.22
CA ARG A 242 27.46 -5.81 -1.04
C ARG A 242 26.85 -7.03 -1.70
N LEU A 243 25.95 -7.72 -1.03
CA LEU A 243 25.35 -8.89 -1.64
C LEU A 243 24.67 -8.57 -2.96
N CYS A 245 25.49 -7.01 -5.32
CA CYS A 245 26.41 -6.93 -6.44
C CYS A 245 26.67 -8.31 -7.00
N LYS A 246 26.67 -9.32 -6.14
CA LYS A 246 26.94 -10.69 -6.55
C LYS A 246 26.36 -11.01 -7.93
N LYS A 247 25.19 -10.47 -8.24
CA LYS A 247 24.53 -10.67 -9.53
C LYS A 247 23.92 -9.37 -10.07
N SER A 248 23.69 -9.32 -11.37
CA SER A 248 23.19 -8.11 -12.01
C SER A 248 21.72 -8.07 -12.43
N THR A 249 21.06 -9.22 -12.52
CA THR A 249 19.65 -9.28 -12.93
C THR A 249 18.77 -8.37 -12.06
N LYS A 250 17.73 -7.84 -12.67
CA LYS A 250 16.86 -6.91 -11.95
C LYS A 250 16.28 -7.52 -10.69
N ASP A 251 15.47 -8.55 -10.86
CA ASP A 251 14.82 -9.22 -9.73
C ASP A 251 15.76 -9.60 -8.62
N PHE A 252 16.96 -10.05 -8.97
CA PHE A 252 17.93 -10.43 -7.96
C PHE A 252 18.32 -9.25 -7.09
N VAL A 253 18.76 -8.18 -7.75
CA VAL A 253 19.18 -6.99 -7.03
C VAL A 253 18.06 -6.55 -6.11
N ASP A 254 16.86 -6.41 -6.68
CA ASP A 254 15.70 -6.00 -5.90
C ASP A 254 15.48 -6.87 -4.67
N ALA A 255 15.15 -8.13 -4.91
CA ALA A 255 14.91 -9.06 -3.81
C ALA A 255 15.99 -8.96 -2.73
N THR A 256 17.19 -8.53 -3.10
CA THR A 256 18.30 -8.42 -2.15
C THR A 256 18.31 -7.09 -1.41
N GLY A 257 17.87 -6.04 -2.10
CA GLY A 257 17.85 -4.72 -1.48
C GLY A 257 16.97 -4.77 -0.26
N ILE A 258 15.91 -5.56 -0.37
CA ILE A 258 15.00 -5.69 0.75
C ILE A 258 15.72 -6.18 2.00
N LEU A 259 16.65 -7.14 1.83
CA LEU A 259 17.40 -7.65 2.96
C LEU A 259 18.01 -6.49 3.67
N VAL A 260 18.50 -5.52 2.90
CA VAL A 260 19.11 -4.33 3.49
C VAL A 260 17.99 -3.51 4.12
N GLN A 261 16.82 -3.54 3.50
CA GLN A 261 15.68 -2.79 4.05
C GLN A 261 15.44 -3.28 5.46
N ARG A 262 15.31 -4.60 5.55
CA ARG A 262 15.06 -5.30 6.79
C ARG A 262 16.05 -4.78 7.83
N VAL A 263 17.34 -4.84 7.49
CA VAL A 263 18.38 -4.37 8.40
C VAL A 263 18.06 -2.99 8.99
N PHE A 264 17.62 -2.05 8.14
CA PHE A 264 17.29 -0.72 8.64
C PHE A 264 16.17 -0.87 9.63
N ASN A 265 15.08 -1.51 9.18
CA ASN A 265 13.89 -1.73 9.98
C ASN A 265 14.26 -2.22 11.37
N ALA A 266 14.93 -3.37 11.40
CA ALA A 266 15.36 -3.97 12.64
C ALA A 266 16.28 -3.05 13.46
N ALA A 268 16.32 0.20 13.78
CA ALA A 268 15.65 1.29 14.47
C ALA A 268 14.16 1.06 14.71
N LYS A 269 13.77 -0.18 14.93
CA LYS A 269 12.36 -0.50 15.19
C LYS A 269 11.41 0.29 14.31
N ASP A 271 8.98 0.24 10.41
CA ASP A 271 8.55 -0.41 9.20
C ASP A 271 7.62 0.57 8.52
N ARG A 272 8.03 1.02 7.35
CA ARG A 272 7.26 1.99 6.59
C ARG A 272 5.97 1.38 6.07
N GLN A 273 5.99 0.09 5.81
CA GLN A 273 4.81 -0.58 5.30
C GLN A 273 3.78 -0.83 6.41
N LYS A 274 4.08 -0.38 7.63
CA LYS A 274 3.21 -0.56 8.79
C LYS A 274 2.97 0.76 9.53
N GLU A 275 3.45 1.85 8.98
CA GLU A 275 3.30 3.14 9.64
C GLU A 275 3.86 3.07 11.05
N LYS A 277 6.63 4.37 12.99
CA LYS A 277 7.76 5.33 13.01
C LYS A 277 8.86 4.66 13.79
N PRO A 278 10.11 5.13 13.66
CA PRO A 278 11.11 4.41 14.45
C PRO A 278 10.99 4.71 15.94
N ASP A 279 11.59 3.86 16.75
CA ASP A 279 11.60 4.09 18.18
C ASP A 279 12.98 4.66 18.36
N PRO A 280 13.07 5.92 18.78
CA PRO A 280 14.39 6.52 18.98
C PRO A 280 15.27 5.67 19.88
N GLU A 281 14.72 5.23 21.00
CA GLU A 281 15.46 4.41 21.95
C GLU A 281 16.32 3.31 21.32
N VAL A 282 15.71 2.46 20.49
CA VAL A 282 16.45 1.38 19.85
C VAL A 282 17.53 1.98 18.96
N ALA A 283 17.07 2.76 17.99
CA ALA A 283 17.94 3.43 17.04
C ALA A 283 19.11 4.07 17.75
N GLU A 284 18.87 4.86 18.77
CA GLU A 284 20.00 5.48 19.46
C GLU A 284 20.98 4.41 19.89
N ALA A 285 20.47 3.41 20.60
CA ALA A 285 21.28 2.29 21.09
C ALA A 285 22.23 1.78 20.02
N ASN A 286 21.71 0.94 19.13
CA ASN A 286 22.56 0.40 18.08
C ASN A 286 22.76 1.38 16.92
N LYS A 287 23.42 2.49 17.21
CA LYS A 287 23.68 3.50 16.19
C LYS A 287 24.94 3.09 15.46
N ILE A 288 25.88 2.53 16.20
CA ILE A 288 27.13 2.12 15.64
C ILE A 288 26.88 1.33 14.38
N TRP A 289 25.75 0.63 14.32
CA TRP A 289 25.39 -0.15 13.13
C TRP A 289 24.74 0.71 12.06
N ILE A 290 23.91 1.67 12.46
CA ILE A 290 23.26 2.55 11.49
C ILE A 290 24.36 3.25 10.72
N ILE A 291 25.27 3.85 11.48
CA ILE A 291 26.42 4.56 10.93
C ILE A 291 27.03 3.73 9.80
N ARG A 292 27.58 2.57 10.17
CA ARG A 292 28.23 1.70 9.20
C ARG A 292 27.39 1.38 7.96
N VAL A 293 26.10 1.13 8.13
CA VAL A 293 25.28 0.83 6.97
C VAL A 293 25.19 2.05 6.09
N LEU A 294 24.89 3.19 6.70
CA LEU A 294 24.81 4.44 5.96
C LEU A 294 26.10 4.64 5.20
N LEU A 295 27.20 4.66 5.93
CA LEU A 295 28.52 4.86 5.35
C LEU A 295 28.81 3.91 4.19
N GLU A 296 28.60 2.61 4.40
CA GLU A 296 28.84 1.59 3.39
C GLU A 296 27.95 1.76 2.18
N LEU A 297 26.72 2.18 2.41
CA LEU A 297 25.76 2.38 1.34
C LEU A 297 26.07 3.69 0.61
N GLN A 298 26.66 4.64 1.34
CA GLN A 298 27.04 5.94 0.81
C GLN A 298 28.23 5.75 -0.09
N GLU A 299 29.26 5.14 0.47
CA GLU A 299 30.47 4.88 -0.30
C GLU A 299 30.18 4.21 -1.64
N LEU A 301 27.85 4.69 -3.46
CA LEU A 301 27.03 5.53 -4.29
C LEU A 301 27.84 5.91 -5.52
N GLN A 302 29.14 5.99 -5.33
CA GLN A 302 30.06 6.36 -6.39
C GLN A 302 31.06 5.27 -6.76
N ASP A 303 31.08 4.16 -6.03
CA ASP A 303 32.02 3.09 -6.36
C ASP A 303 31.75 2.61 -7.77
N PRO A 304 32.74 2.77 -8.66
CA PRO A 304 32.69 2.38 -10.07
C PRO A 304 32.55 0.88 -10.30
N LYS A 305 32.87 0.10 -9.29
CA LYS A 305 32.75 -1.35 -9.39
C LYS A 305 31.27 -1.71 -9.16
N VAL A 306 30.56 -0.84 -8.44
CA VAL A 306 29.14 -1.02 -8.14
C VAL A 306 28.30 -0.64 -9.34
N GLY A 307 27.59 -1.60 -9.88
CA GLY A 307 26.77 -1.35 -11.05
C GLY A 307 25.72 -0.26 -10.98
N ALA A 308 24.92 -0.20 -12.05
CA ALA A 308 23.84 0.76 -12.22
C ALA A 308 22.60 0.46 -11.41
N VAL A 309 22.13 -0.80 -11.48
CA VAL A 309 20.95 -1.22 -10.74
C VAL A 309 21.22 -0.99 -9.28
N GLN A 310 22.23 -1.68 -8.75
CA GLN A 310 22.55 -1.53 -7.35
C GLN A 310 22.66 -0.05 -7.04
N ARG A 311 23.23 0.70 -7.98
CA ARG A 311 23.39 2.13 -7.79
C ARG A 311 22.06 2.77 -7.46
N GLU A 312 21.07 2.57 -8.34
CA GLU A 312 19.72 3.11 -8.17
C GLU A 312 19.07 2.58 -6.89
N THR A 313 19.26 1.30 -6.61
CA THR A 313 18.70 0.74 -5.39
C THR A 313 19.31 1.48 -4.19
N CYS A 314 20.64 1.58 -4.13
CA CYS A 314 21.30 2.24 -3.01
C CYS A 314 20.81 3.66 -2.78
N ILE A 315 20.15 4.23 -3.78
CA ILE A 315 19.63 5.57 -3.64
C ILE A 315 18.28 5.48 -2.98
N ASP A 316 17.43 4.61 -3.52
CA ASP A 316 16.11 4.41 -2.95
C ASP A 316 16.26 4.01 -1.49
N LEU A 317 17.35 3.31 -1.17
CA LEU A 317 17.59 2.87 0.20
C LEU A 317 17.62 4.05 1.15
N PHE A 318 18.15 5.18 0.70
CA PHE A 318 18.21 6.40 1.52
C PHE A 318 16.87 7.14 1.53
N LEU A 319 16.19 7.11 0.39
CA LEU A 319 14.90 7.73 0.19
C LEU A 319 13.78 7.08 1.01
N LYS A 320 14.07 5.92 1.58
CA LYS A 320 13.08 5.22 2.39
C LYS A 320 13.50 5.09 3.86
N ASN A 321 14.75 5.37 4.17
CA ASN A 321 15.20 5.18 5.54
C ASN A 321 15.98 6.29 6.21
N LEU A 322 16.35 7.32 5.46
CA LEU A 322 17.13 8.39 6.04
C LEU A 322 16.26 9.58 6.36
N HIS A 324 13.86 11.17 7.96
CA HIS A 324 13.09 11.10 9.18
C HIS A 324 11.65 11.62 9.10
N ASP A 326 9.75 11.06 6.70
CA ASP A 326 9.02 10.19 5.79
C ASP A 326 9.15 8.73 6.22
N GLY A 327 8.75 8.47 7.46
CA GLY A 327 8.80 7.12 8.01
C GLY A 327 10.21 6.58 8.13
N GLY A 328 11.17 7.42 7.80
CA GLY A 328 12.55 6.98 7.87
C GLY A 328 13.12 7.13 9.25
N ILE A 329 14.40 6.79 9.33
CA ILE A 329 15.23 6.84 10.53
C ILE A 329 14.78 8.04 11.35
N PRO A 330 15.17 8.12 12.65
CA PRO A 330 14.73 9.27 13.45
C PRO A 330 15.50 10.56 13.14
N ARG A 331 14.90 11.69 13.50
CA ARG A 331 15.52 12.99 13.25
C ARG A 331 16.94 13.13 13.80
N GLY A 332 17.80 13.69 12.97
CA GLY A 332 19.19 13.89 13.35
C GLY A 332 20.14 13.24 12.35
N TRP A 333 19.68 12.17 11.73
CA TRP A 333 20.49 11.44 10.76
C TRP A 333 20.67 12.22 9.46
N SER A 334 19.59 12.45 8.73
CA SER A 334 19.66 13.20 7.49
C SER A 334 20.52 14.46 7.61
N TRP A 335 20.54 15.07 8.79
CA TRP A 335 21.35 16.28 8.96
C TRP A 335 22.83 15.98 8.93
N LYS A 336 23.25 14.92 9.59
CA LYS A 336 24.64 14.55 9.61
C LYS A 336 25.03 14.05 8.22
N PHE A 337 24.03 13.72 7.41
CA PHE A 337 24.27 13.24 6.05
C PHE A 337 24.74 14.41 5.20
N VAL A 338 23.98 15.51 5.25
CA VAL A 338 24.34 16.68 4.48
C VAL A 338 25.53 17.43 5.09
N GLU A 339 25.62 17.46 6.41
CA GLU A 339 26.71 18.16 7.06
C GLU A 339 28.07 17.47 6.93
N GLU A 340 28.12 16.38 6.17
CA GLU A 340 29.37 15.66 5.95
C GLU A 340 29.50 15.46 4.44
N ARG A 341 29.62 14.22 4.00
CA ARG A 341 29.75 13.93 2.58
C ARG A 341 28.52 13.34 1.92
N GLY A 342 27.50 13.08 2.73
CA GLY A 342 26.30 12.49 2.18
C GLY A 342 25.68 13.20 0.99
N LEU A 343 25.39 14.48 1.16
CA LEU A 343 24.77 15.26 0.08
C LEU A 343 25.67 15.42 -1.13
N LEU A 344 26.92 15.81 -0.87
CA LEU A 344 27.89 16.02 -1.94
C LEU A 344 27.95 14.83 -2.89
N ALA A 345 28.13 13.64 -2.32
CA ALA A 345 28.20 12.43 -3.13
C ALA A 345 26.87 12.19 -3.83
N LEU A 346 25.78 12.46 -3.13
CA LEU A 346 24.47 12.26 -3.70
C LEU A 346 24.31 13.28 -4.83
N LEU A 347 25.03 14.38 -4.70
CA LEU A 347 25.03 15.47 -5.67
C LEU A 347 25.87 15.13 -6.89
N ASP A 348 27.03 14.51 -6.64
CA ASP A 348 27.91 14.08 -7.71
C ASP A 348 27.15 13.14 -8.64
N VAL A 349 26.22 12.37 -8.09
CA VAL A 349 25.44 11.45 -8.91
C VAL A 349 24.42 12.19 -9.73
N ALA A 350 24.06 13.40 -9.29
CA ALA A 350 23.08 14.19 -10.02
C ALA A 350 23.62 14.60 -11.37
N SER A 351 24.88 15.03 -11.36
CA SER A 351 25.57 15.46 -12.57
C SER A 351 26.30 14.29 -13.18
N GLN A 352 25.56 13.29 -13.66
CA GLN A 352 26.11 12.08 -14.27
C GLN A 352 25.11 11.43 -15.19
N ILE A 353 25.35 11.45 -16.49
CA ILE A 353 24.41 10.77 -17.38
C ILE A 353 25.16 9.58 -17.95
N PRO A 354 24.49 8.71 -18.71
CA PRO A 354 25.24 7.58 -19.24
C PRO A 354 26.43 8.13 -20.00
N GLU A 355 26.15 8.73 -21.16
CA GLU A 355 27.13 9.32 -22.07
C GLU A 355 28.41 9.84 -21.43
N LEU A 356 28.28 10.54 -20.32
CA LEU A 356 29.46 11.02 -19.60
C LEU A 356 29.26 10.77 -18.11
N CYS A 357 29.91 9.72 -17.62
CA CYS A 357 29.80 9.33 -16.22
C CYS A 357 31.07 8.71 -15.69
N GLU A 358 31.32 8.87 -14.40
CA GLU A 358 32.51 8.34 -13.80
C GLU A 358 32.33 6.97 -13.13
N TYR A 359 31.07 6.51 -13.06
CA TYR A 359 30.65 5.21 -12.47
C TYR A 359 29.27 4.84 -13.06
N PRO A 360 29.13 3.62 -13.61
CA PRO A 360 27.88 3.15 -14.23
C PRO A 360 26.56 3.81 -13.81
N VAL A 361 25.81 4.27 -14.80
CA VAL A 361 24.54 4.96 -14.58
C VAL A 361 23.59 4.60 -15.73
N SER A 362 22.28 4.70 -15.51
CA SER A 362 21.34 4.39 -16.59
C SER A 362 20.33 5.50 -16.75
N ALA A 363 19.59 5.48 -17.86
CA ALA A 363 18.59 6.50 -18.09
C ALA A 363 17.76 6.82 -16.84
N GLU A 364 17.33 5.77 -16.15
CA GLU A 364 16.49 5.85 -14.95
C GLU A 364 17.23 6.43 -13.74
N THR A 365 18.53 6.20 -13.65
CA THR A 365 19.30 6.70 -12.52
C THR A 365 18.99 8.12 -12.10
N ARG A 366 18.42 8.92 -13.00
CA ARG A 366 18.12 10.33 -12.70
C ARG A 366 16.99 10.50 -11.71
N GLN A 367 15.82 9.93 -12.02
CA GLN A 367 14.68 10.05 -11.13
C GLN A 367 15.14 9.72 -9.72
N HIS A 368 15.70 8.52 -9.57
CA HIS A 368 16.16 8.08 -8.28
C HIS A 368 17.00 9.11 -7.52
N VAL A 369 17.66 10.02 -8.22
CA VAL A 369 18.48 11.01 -7.51
C VAL A 369 17.67 12.27 -7.28
N ALA A 370 16.71 12.52 -8.16
CA ALA A 370 15.86 13.69 -8.06
C ALA A 370 15.01 13.63 -6.78
N ILE A 371 14.03 12.74 -6.76
CA ILE A 371 13.14 12.55 -5.60
C ILE A 371 13.92 12.47 -4.32
N CYS A 372 14.96 11.65 -4.31
CA CYS A 372 15.75 11.50 -3.11
C CYS A 372 16.32 12.85 -2.68
N LEU A 373 16.79 13.63 -3.63
CA LEU A 373 17.34 14.94 -3.31
C LEU A 373 16.23 15.88 -2.87
N GLN A 374 15.06 15.72 -3.49
CA GLN A 374 13.88 16.53 -3.16
C GLN A 374 13.53 16.35 -1.70
N ARG A 375 13.29 15.09 -1.35
CA ARG A 375 12.92 14.66 -0.01
C ARG A 375 14.05 14.87 1.01
N LEU A 376 15.29 14.85 0.54
CA LEU A 376 16.39 15.05 1.46
C LEU A 376 16.27 16.48 1.94
N GLU A 377 15.99 17.38 1.01
CA GLU A 377 15.85 18.80 1.34
C GLU A 377 14.62 19.00 2.21
N GLU A 378 13.53 18.28 1.89
CA GLU A 378 12.29 18.35 2.66
C GLU A 378 12.54 17.91 4.11
N ASP A 379 13.42 16.93 4.27
CA ASP A 379 13.75 16.41 5.60
C ASP A 379 14.74 17.32 6.34
N VAL A 381 13.77 20.62 7.49
CA VAL A 381 12.86 21.35 8.37
C VAL A 381 13.26 22.63 9.13
N PHE A 382 14.31 22.58 9.95
CA PHE A 382 14.78 23.77 10.71
C PHE A 382 15.27 24.86 9.74
N ASP A 383 15.72 25.99 10.29
CA ASP A 383 16.25 27.07 9.45
C ASP A 383 17.74 26.84 9.32
N THR A 384 18.43 26.81 10.45
CA THR A 384 19.88 26.60 10.49
C THR A 384 20.32 25.51 9.52
N LYS A 385 19.43 24.55 9.27
CA LYS A 385 19.72 23.45 8.38
C LYS A 385 19.45 23.73 6.90
N ARG A 386 18.25 24.19 6.56
CA ARG A 386 17.95 24.50 5.16
C ARG A 386 19.10 25.35 4.64
N THR A 387 19.80 25.96 5.59
CA THR A 387 20.96 26.79 5.30
C THR A 387 22.11 25.86 4.92
N ILE A 388 22.62 25.10 5.90
CA ILE A 388 23.74 24.21 5.61
C ILE A 388 23.47 23.34 4.40
N PHE A 389 22.20 23.18 4.02
CA PHE A 389 21.88 22.39 2.85
C PHE A 389 22.12 23.20 1.58
N LYS A 390 21.44 24.34 1.45
CA LYS A 390 21.62 25.14 0.25
C LYS A 390 23.07 25.62 0.22
N GLU A 391 23.58 25.94 1.40
CA GLU A 391 24.94 26.41 1.55
C GLU A 391 25.93 25.41 1.00
N LYS A 392 25.58 24.14 1.04
CA LYS A 392 26.46 23.10 0.53
C LYS A 392 26.27 22.96 -0.97
N VAL A 393 25.02 22.81 -1.42
CA VAL A 393 24.77 22.69 -2.85
C VAL A 393 25.42 23.88 -3.52
N ASP A 394 25.34 25.04 -2.90
CA ASP A 394 25.95 26.26 -3.44
C ASP A 394 27.44 25.97 -3.67
N PHE A 396 29.01 23.41 -3.95
CA PHE A 396 29.17 22.42 -5.01
C PHE A 396 28.90 23.00 -6.39
N PHE A 397 28.00 23.98 -6.46
CA PHE A 397 27.67 24.63 -7.74
C PHE A 397 28.81 25.52 -8.19
N ASN A 398 29.60 26.01 -7.24
CA ASN A 398 30.74 26.83 -7.56
C ASN A 398 31.79 25.86 -8.08
N ALA A 399 32.51 25.22 -7.16
CA ALA A 399 33.54 24.25 -7.53
C ALA A 399 33.29 23.67 -8.91
N LEU A 400 32.05 23.31 -9.21
CA LEU A 400 31.74 22.75 -10.53
C LEU A 400 31.91 23.82 -11.61
N ILE A 401 31.03 24.82 -11.61
CA ILE A 401 31.06 25.93 -12.58
C ILE A 401 32.48 26.46 -12.83
N SER A 402 33.17 26.87 -11.77
CA SER A 402 34.51 27.40 -11.90
C SER A 402 35.52 26.33 -12.32
N ARG A 403 35.23 25.69 -13.45
CA ARG A 403 36.10 24.67 -14.00
C ARG A 403 35.52 24.31 -15.34
N CYS A 404 34.59 25.15 -15.79
CA CYS A 404 33.94 24.96 -17.09
C CYS A 404 34.70 25.77 -18.15
N THR A 405 35.99 25.46 -18.28
CA THR A 405 36.88 26.10 -19.24
C THR A 405 36.34 25.84 -20.65
N ASN A 406 37.16 26.00 -21.68
CA ASN A 406 36.66 25.78 -23.03
C ASN A 406 37.49 24.77 -23.78
N ASP A 407 37.76 23.63 -23.14
CA ASP A 407 38.53 22.58 -23.77
C ASP A 407 37.92 21.22 -23.55
N ASP A 408 38.09 20.36 -24.55
CA ASP A 408 37.58 18.99 -24.54
C ASP A 408 37.47 18.44 -23.12
N GLU A 409 38.44 18.81 -22.28
CA GLU A 409 38.50 18.38 -20.89
C GLU A 409 37.47 19.18 -20.09
N GLY A 410 37.62 20.49 -20.10
CA GLY A 410 36.69 21.35 -19.39
C GLY A 410 35.26 21.31 -19.93
N HIS A 411 35.06 20.75 -21.11
CA HIS A 411 33.70 20.67 -21.65
C HIS A 411 32.92 19.72 -20.77
N LYS A 412 33.61 18.68 -20.31
CA LYS A 412 33.00 17.70 -19.46
C LYS A 412 32.38 18.41 -18.25
N TYR A 413 33.16 19.26 -17.58
CA TYR A 413 32.68 20.00 -16.40
C TYR A 413 31.50 20.91 -16.67
N ARG A 414 31.10 21.03 -17.93
CA ARG A 414 29.96 21.85 -18.27
C ARG A 414 28.81 20.89 -18.39
N ILE A 415 29.10 19.70 -18.86
CA ILE A 415 28.07 18.68 -18.98
C ILE A 415 27.68 18.29 -17.57
N LYS A 416 28.66 18.28 -16.66
CA LYS A 416 28.38 17.97 -15.27
C LYS A 416 27.47 19.07 -14.76
N LEU A 417 28.06 20.25 -14.55
CA LEU A 417 27.32 21.41 -14.07
C LEU A 417 25.98 21.57 -14.76
N SER A 418 25.80 20.91 -15.88
CA SER A 418 24.54 21.04 -16.58
C SER A 418 23.52 20.10 -15.96
N CYS A 419 23.78 18.80 -16.04
CA CYS A 419 22.87 17.77 -15.51
C CYS A 419 22.68 17.93 -14.01
N PHE A 420 23.72 18.42 -13.36
CA PHE A 420 23.61 18.67 -11.94
C PHE A 420 22.43 19.62 -11.76
N LEU A 421 22.08 20.34 -12.82
CA LEU A 421 20.98 21.29 -12.75
C LEU A 421 19.69 20.72 -13.27
N ILE A 422 19.71 20.00 -14.38
CA ILE A 422 18.46 19.42 -14.87
C ILE A 422 17.88 18.61 -13.72
N THR A 423 18.77 17.86 -13.05
CA THR A 423 18.40 17.01 -11.92
C THR A 423 17.79 17.85 -10.82
N LEU A 425 16.41 20.30 -10.65
CA LEU A 425 15.24 21.05 -11.08
C LEU A 425 13.98 20.19 -11.10
N GLN A 426 14.16 18.87 -11.26
CA GLN A 426 13.06 17.89 -11.28
C GLN A 426 12.89 17.39 -9.82
N GLY A 427 13.86 17.77 -8.99
CA GLY A 427 13.89 17.41 -7.59
C GLY A 427 13.54 18.60 -6.73
N PRO A 428 14.49 19.17 -5.96
CA PRO A 428 14.25 20.33 -5.08
C PRO A 428 14.16 21.64 -5.86
N VAL A 429 13.51 21.54 -7.03
CA VAL A 429 13.32 22.64 -7.97
C VAL A 429 13.63 24.04 -7.43
N ASP A 430 13.10 24.38 -6.28
CA ASP A 430 13.37 25.68 -5.69
C ASP A 430 14.85 25.97 -5.54
N ILE A 431 15.64 25.00 -5.07
CA ILE A 431 17.07 25.22 -4.90
C ILE A 431 17.69 25.25 -6.28
N GLY A 432 17.02 24.59 -7.22
CA GLY A 432 17.51 24.58 -8.58
C GLY A 432 17.30 25.97 -9.17
N ILE A 433 16.04 26.38 -9.25
CA ILE A 433 15.69 27.70 -9.76
C ILE A 433 16.67 28.73 -9.25
N ASN A 434 16.74 28.90 -7.93
CA ASN A 434 17.65 29.88 -7.35
C ASN A 434 19.10 29.71 -7.80
N LEU A 435 19.38 28.69 -8.61
CA LEU A 435 20.74 28.49 -9.10
C LEU A 435 20.91 29.06 -10.49
N ILE A 436 19.89 28.92 -11.34
CA ILE A 436 20.01 29.44 -12.69
C ILE A 436 19.75 30.94 -12.81
N THR A 437 19.13 31.55 -11.79
CA THR A 437 18.91 32.99 -11.85
C THR A 437 20.21 33.66 -11.43
N ASN A 438 21.28 33.15 -12.02
CA ASN A 438 22.63 33.65 -11.85
C ASN A 438 23.08 33.59 -13.30
N ASP A 439 22.80 34.67 -14.03
CA ASP A 439 23.12 34.74 -15.44
C ASP A 439 24.59 34.54 -15.78
N GLN A 440 25.25 33.70 -14.99
CA GLN A 440 26.64 33.34 -15.23
C GLN A 440 26.51 31.96 -15.85
N LEU A 441 25.28 31.45 -15.81
CA LEU A 441 24.96 30.13 -16.35
C LEU A 441 24.39 30.26 -17.76
N THR A 442 23.79 31.40 -18.06
CA THR A 442 23.24 31.63 -19.38
C THR A 442 24.31 31.70 -20.50
N PRO A 443 25.56 32.16 -20.17
CA PRO A 443 26.59 32.21 -21.22
C PRO A 443 26.99 30.79 -21.59
N ILE A 444 27.44 30.03 -20.59
CA ILE A 444 27.83 28.63 -20.76
C ILE A 444 26.74 27.94 -21.56
N LEU A 446 24.43 29.22 -23.67
CA LEU A 446 24.59 29.68 -25.06
C LEU A 446 25.77 29.03 -25.75
N GLU A 447 26.94 29.19 -25.13
CA GLU A 447 28.19 28.63 -25.64
C GLU A 447 27.93 27.23 -26.20
N ALA A 449 25.22 25.59 -26.48
CA ALA A 449 24.05 25.56 -27.36
C ALA A 449 24.51 25.71 -28.80
N ALA A 450 25.49 26.60 -28.97
CA ALA A 450 26.06 26.94 -30.28
C ALA A 450 27.18 26.02 -30.76
N SER A 451 27.88 25.39 -29.83
CA SER A 451 28.98 24.49 -30.18
C SER A 451 28.55 23.44 -31.22
N GLN A 452 29.50 22.61 -31.66
CA GLN A 452 29.19 21.58 -32.63
C GLN A 452 29.32 20.21 -32.01
N ASP A 453 29.37 20.20 -30.68
CA ASP A 453 29.46 18.98 -29.88
C ASP A 453 28.01 18.56 -29.73
N HIS A 454 27.54 17.71 -30.64
CA HIS A 454 26.15 17.24 -30.61
C HIS A 454 25.60 17.02 -29.21
N LEU A 455 26.42 16.46 -28.31
CA LEU A 455 25.96 16.24 -26.95
C LEU A 455 25.63 17.58 -26.35
N GLN A 457 25.04 20.31 -27.41
CA GLN A 457 23.91 20.95 -28.07
C GLN A 457 22.64 20.44 -27.40
N GLY A 458 22.36 19.16 -27.61
CA GLY A 458 21.18 18.54 -27.02
C GLY A 458 20.95 18.81 -25.53
N ILE A 459 21.88 18.42 -24.68
CA ILE A 459 21.68 18.62 -23.24
C ILE A 459 21.67 20.07 -22.80
N ALA A 460 21.36 20.97 -23.73
CA ALA A 460 21.25 22.39 -23.43
C ALA A 460 19.76 22.64 -23.59
N ALA A 461 19.21 22.13 -24.69
CA ALA A 461 17.78 22.27 -24.93
C ALA A 461 17.15 21.67 -23.68
N GLU A 462 17.58 20.45 -23.35
CA GLU A 462 17.11 19.74 -22.19
C GLU A 462 17.29 20.57 -20.91
N LEU A 463 18.24 21.50 -20.91
CA LEU A 463 18.47 22.32 -19.72
C LEU A 463 17.52 23.51 -19.62
N ILE A 464 17.00 23.97 -20.75
CA ILE A 464 16.04 25.07 -20.65
C ILE A 464 14.69 24.40 -20.65
N VAL A 465 14.53 23.34 -21.44
CA VAL A 465 13.29 22.59 -21.47
C VAL A 465 12.96 22.21 -20.04
N ALA A 466 14.01 21.89 -19.30
CA ALA A 466 13.86 21.52 -17.90
C ALA A 466 13.87 22.77 -17.05
N THR A 467 13.59 23.91 -17.67
CA THR A 467 13.54 25.21 -16.98
C THR A 467 12.21 25.90 -17.29
N VAL A 468 11.49 25.36 -18.27
CA VAL A 468 10.21 25.90 -18.68
C VAL A 468 9.40 26.36 -17.48
N SER A 469 9.57 25.68 -16.35
CA SER A 469 8.88 26.04 -15.12
C SER A 469 7.43 26.45 -15.34
N LYS A 470 7.00 27.47 -14.60
CA LYS A 470 5.63 27.96 -14.67
C LYS A 470 5.55 29.50 -14.71
N HIS A 471 6.06 30.13 -13.66
CA HIS A 471 6.03 31.59 -13.54
C HIS A 471 7.25 32.30 -14.11
N GLU A 472 7.57 33.45 -13.52
CA GLU A 472 8.70 34.25 -13.95
C GLU A 472 9.81 34.24 -12.91
N ARG A 473 10.67 35.25 -12.97
CA ARG A 473 11.81 35.38 -12.05
C ARG A 473 13.05 34.76 -12.71
N ALA A 474 12.82 33.67 -13.45
CA ALA A 474 13.88 32.98 -14.15
C ALA A 474 13.57 32.97 -15.64
N ILE A 475 12.47 33.63 -16.01
CA ILE A 475 12.07 33.74 -17.42
C ILE A 475 13.20 34.53 -18.09
N ASN A 476 14.25 34.76 -17.30
CA ASN A 476 15.42 35.48 -17.76
C ASN A 476 16.18 34.59 -18.73
N LEU A 478 15.42 32.29 -20.06
CA LEU A 478 14.44 31.67 -20.94
C LEU A 478 14.23 32.67 -22.05
N LYS A 479 14.40 33.93 -21.69
CA LYS A 479 14.26 35.05 -22.61
C LYS A 479 15.08 34.71 -23.86
N VAL A 480 16.35 34.39 -23.63
CA VAL A 480 17.29 34.00 -24.69
C VAL A 480 17.18 32.50 -24.99
N GLY A 481 17.01 31.72 -23.93
CA GLY A 481 16.90 30.28 -24.05
C GLY A 481 15.81 29.77 -24.99
N ILE A 482 14.58 30.24 -24.78
CA ILE A 482 13.50 29.78 -25.64
C ILE A 482 13.85 29.93 -27.11
N PRO A 483 14.29 31.14 -27.53
CA PRO A 483 14.65 31.31 -28.95
C PRO A 483 15.71 30.27 -29.33
N VAL A 484 16.76 30.17 -28.49
CA VAL A 484 17.83 29.21 -28.72
C VAL A 484 17.25 27.87 -29.14
N LEU A 485 16.23 27.44 -28.42
CA LEU A 485 15.57 26.17 -28.72
C LEU A 485 15.09 26.14 -30.17
N ARG A 486 14.34 27.17 -30.53
CA ARG A 486 13.76 27.31 -31.85
C ARG A 486 14.76 27.02 -32.96
N ALA A 487 16.00 27.45 -32.73
CA ALA A 487 17.08 27.25 -33.68
C ALA A 487 17.53 25.80 -33.61
N LEU A 488 17.96 25.38 -32.42
CA LEU A 488 18.43 24.02 -32.21
C LEU A 488 17.49 22.98 -32.79
N TYR A 489 16.22 23.34 -32.92
CA TYR A 489 15.20 22.45 -33.44
C TYR A 489 15.47 22.00 -34.89
N ASP A 490 15.84 22.95 -35.75
CA ASP A 490 16.09 22.63 -37.16
C ASP A 490 17.02 21.42 -37.30
N SER A 491 18.03 21.35 -36.44
CA SER A 491 19.04 20.30 -36.43
C SER A 491 18.62 19.01 -37.11
N GLU A 492 19.58 18.35 -37.75
CA GLU A 492 19.29 17.11 -38.44
C GLU A 492 19.59 15.89 -37.58
N ASP A 493 20.20 16.12 -36.42
CA ASP A 493 20.50 15.02 -35.51
C ASP A 493 19.24 14.78 -34.68
N PRO A 494 18.56 13.65 -34.91
CA PRO A 494 17.34 13.34 -34.16
C PRO A 494 17.44 13.75 -32.70
N THR A 495 18.39 13.15 -32.00
CA THR A 495 18.62 13.41 -30.60
C THR A 495 18.63 14.90 -30.21
N VAL A 496 18.80 15.80 -31.17
CA VAL A 496 18.82 17.22 -30.83
C VAL A 496 17.51 17.89 -31.26
N LYS A 497 16.83 17.32 -32.25
CA LYS A 497 15.56 17.89 -32.72
C LYS A 497 14.52 17.59 -31.64
N VAL A 498 14.39 16.30 -31.32
CA VAL A 498 13.45 15.79 -30.32
C VAL A 498 13.62 16.41 -28.92
N ARG A 499 14.85 16.43 -28.44
CA ARG A 499 15.14 16.98 -27.12
C ARG A 499 14.74 18.45 -27.14
N ALA A 500 14.70 19.03 -28.34
CA ALA A 500 14.35 20.44 -28.55
C ALA A 500 12.86 20.67 -28.74
N LEU A 501 12.18 19.69 -29.35
CA LEU A 501 10.74 19.78 -29.57
C LEU A 501 10.04 20.00 -28.22
N VAL A 502 10.53 19.31 -27.19
CA VAL A 502 10.00 19.45 -25.84
C VAL A 502 10.35 20.88 -25.40
N GLY A 503 9.58 21.44 -24.49
CA GLY A 503 9.87 22.80 -24.03
C GLY A 503 9.21 23.75 -25.00
N LEU A 504 9.49 23.50 -26.27
CA LEU A 504 8.93 24.27 -27.36
C LEU A 504 7.57 23.59 -27.51
N CYS A 505 7.40 22.53 -26.74
CA CYS A 505 6.18 21.76 -26.73
C CYS A 505 5.49 22.10 -25.43
N LYS A 506 6.28 22.26 -24.38
CA LYS A 506 5.72 22.59 -23.09
C LYS A 506 5.69 24.10 -22.85
N ILE A 507 4.98 24.79 -23.75
CA ILE A 507 4.79 26.25 -23.69
C ILE A 507 3.45 26.64 -24.32
N VAL A 525 1.98 24.26 -32.95
CA VAL A 525 0.85 24.12 -32.03
C VAL A 525 0.20 22.75 -32.17
N ILE A 526 0.02 22.33 -33.40
CA ILE A 526 -0.54 21.02 -33.72
C ILE A 526 0.53 20.43 -34.62
N SER A 527 1.43 21.32 -35.06
CA SER A 527 2.55 20.95 -35.90
C SER A 527 3.57 20.25 -35.00
N LEU A 528 3.55 20.62 -33.72
CA LEU A 528 4.44 20.00 -32.73
C LEU A 528 3.92 18.59 -32.58
N ALA A 529 2.60 18.47 -32.41
CA ALA A 529 1.94 17.19 -32.25
C ALA A 529 2.11 16.32 -33.49
N LYS A 530 2.15 16.96 -34.66
CA LYS A 530 2.33 16.23 -35.92
C LYS A 530 3.68 15.51 -35.90
N THR A 531 4.66 16.15 -35.27
CA THR A 531 6.01 15.61 -35.18
C THR A 531 6.20 14.51 -34.16
N CYS A 532 5.88 14.81 -32.89
CA CYS A 532 6.01 13.84 -31.80
C CYS A 532 5.47 12.49 -32.25
N LYS A 533 4.57 12.52 -33.22
CA LYS A 533 3.98 11.31 -33.75
C LYS A 533 4.98 10.58 -34.65
N LYS A 534 5.52 11.29 -35.64
CA LYS A 534 6.49 10.71 -36.58
C LYS A 534 7.67 10.04 -35.86
N PHE A 535 7.96 10.50 -34.65
CA PHE A 535 9.05 9.92 -33.86
C PHE A 535 8.61 8.59 -33.32
N LEU A 536 7.51 8.65 -32.56
CA LEU A 536 6.90 7.50 -31.88
C LEU A 536 6.45 6.34 -32.76
N LEU A 537 5.79 6.65 -33.88
CA LEU A 537 5.32 5.59 -34.78
C LEU A 537 6.48 4.85 -35.42
N GLU A 538 7.57 5.59 -35.68
CA GLU A 538 8.77 5.03 -36.28
C GLU A 538 9.46 4.17 -35.24
N THR A 539 8.70 3.21 -34.70
CA THR A 539 9.17 2.28 -33.69
C THR A 539 10.56 1.71 -33.91
N GLU A 540 10.74 0.99 -35.02
CA GLU A 540 12.02 0.35 -35.33
C GLU A 540 13.16 1.33 -35.54
N LYS A 541 13.00 2.23 -36.49
CA LYS A 541 14.00 3.22 -36.83
C LYS A 541 14.58 3.99 -35.63
N TYR A 542 13.95 5.09 -35.22
CA TYR A 542 14.44 5.87 -34.09
C TYR A 542 14.68 4.96 -32.87
N SER A 543 15.42 5.46 -31.88
CA SER A 543 15.72 4.66 -30.69
C SER A 543 14.77 4.88 -29.50
N VAL A 544 15.10 4.24 -28.38
CA VAL A 544 14.30 4.36 -27.18
C VAL A 544 14.43 5.71 -26.51
N ASP A 545 15.63 6.05 -26.04
CA ASP A 545 15.84 7.34 -25.37
C ASP A 545 15.35 8.51 -26.19
N ILE A 546 15.16 8.30 -27.49
CA ILE A 546 14.66 9.37 -28.34
C ILE A 546 13.16 9.46 -28.11
N ARG A 547 12.47 8.37 -28.39
CA ARG A 547 11.03 8.31 -28.18
C ARG A 547 10.62 8.62 -26.75
N ARG A 548 11.57 8.60 -25.81
CA ARG A 548 11.24 8.91 -24.42
C ARG A 548 10.75 10.35 -24.41
N TYR A 549 11.53 11.22 -25.03
CA TYR A 549 11.20 12.64 -25.11
C TYR A 549 10.06 12.82 -26.11
N ALA A 550 9.97 11.92 -27.09
CA ALA A 550 8.89 12.00 -28.06
C ALA A 550 7.61 11.98 -27.24
N CYS A 551 7.60 11.09 -26.26
CA CYS A 551 6.46 10.96 -25.36
C CYS A 551 6.38 12.22 -24.53
N GLU A 552 7.39 12.49 -23.73
CA GLU A 552 7.36 13.67 -22.89
C GLU A 552 6.75 14.88 -23.57
N GLY A 553 7.05 15.07 -24.84
CA GLY A 553 6.50 16.22 -25.54
C GLY A 553 5.01 16.04 -25.65
N LEU A 554 4.63 14.98 -26.36
CA LEU A 554 3.23 14.63 -26.59
C LEU A 554 2.46 14.78 -25.30
N SER A 555 3.13 14.48 -24.19
CA SER A 555 2.56 14.59 -22.87
C SER A 555 1.93 15.96 -22.62
N TYR A 556 2.77 16.99 -22.61
CA TYR A 556 2.30 18.36 -22.36
C TYR A 556 1.20 18.80 -23.33
N LEU A 557 1.26 18.31 -24.56
CA LEU A 557 0.26 18.68 -25.54
C LEU A 557 -1.12 18.19 -25.11
N SER A 558 -1.18 16.97 -24.59
CA SER A 558 -2.44 16.42 -24.10
C SER A 558 -2.87 17.18 -22.86
N LEU A 559 -3.78 18.11 -23.07
CA LEU A 559 -4.31 18.96 -22.03
C LEU A 559 -5.38 19.71 -22.80
N ASP A 560 -5.13 19.81 -24.11
CA ASP A 560 -6.04 20.45 -25.03
C ASP A 560 -7.00 19.36 -25.49
N ALA A 561 -8.25 19.73 -25.68
CA ALA A 561 -9.26 18.77 -26.11
C ALA A 561 -8.98 18.22 -27.50
N ASP A 562 -8.86 19.13 -28.46
CA ASP A 562 -8.61 18.78 -29.85
C ASP A 562 -7.51 17.72 -29.96
N VAL A 563 -6.39 17.95 -29.26
CA VAL A 563 -5.27 17.01 -29.29
C VAL A 563 -5.73 15.69 -28.68
N LYS A 564 -6.49 15.79 -27.59
CA LYS A 564 -7.00 14.60 -26.92
C LYS A 564 -7.73 13.71 -27.93
N GLU A 565 -8.73 14.28 -28.61
CA GLU A 565 -9.49 13.52 -29.59
C GLU A 565 -8.61 13.10 -30.76
N TRP A 566 -7.71 13.97 -31.19
CA TRP A 566 -6.84 13.62 -32.30
C TRP A 566 -6.10 12.31 -32.00
N ILE A 567 -5.34 12.30 -30.90
CA ILE A 567 -4.56 11.13 -30.51
C ILE A 567 -5.31 9.80 -30.59
N VAL A 568 -6.28 9.63 -29.70
CA VAL A 568 -7.07 8.40 -29.65
C VAL A 568 -7.62 7.99 -31.01
N ASP A 569 -7.66 8.94 -31.95
CA ASP A 569 -8.17 8.68 -33.29
C ASP A 569 -7.26 7.80 -34.15
N ASP A 570 -5.96 7.88 -33.90
CA ASP A 570 -4.97 7.09 -34.64
C ASP A 570 -4.55 5.87 -33.83
N SER A 571 -4.80 4.68 -34.37
CA SER A 571 -4.45 3.44 -33.69
C SER A 571 -2.96 3.34 -33.41
N LEU A 572 -2.17 3.23 -34.48
CA LEU A 572 -0.72 3.10 -34.37
C LEU A 572 -0.07 3.87 -33.23
N LEU A 573 -0.46 5.13 -33.03
CA LEU A 573 0.13 5.95 -31.97
C LEU A 573 -0.11 5.36 -30.59
N LEU A 574 -1.21 4.63 -30.43
CA LEU A 574 -1.52 4.00 -29.16
C LEU A 574 -0.81 2.66 -29.14
N LYS A 575 -0.77 1.99 -30.30
CA LYS A 575 -0.11 0.70 -30.44
C LYS A 575 1.39 0.82 -30.18
N ALA A 576 1.97 1.94 -30.56
CA ALA A 576 3.40 2.17 -30.36
C ALA A 576 3.69 2.81 -29.01
N LEU A 577 2.78 3.67 -28.54
CA LEU A 577 2.94 4.32 -27.24
C LEU A 577 2.93 3.28 -26.13
N VAL A 578 2.45 2.09 -26.49
CA VAL A 578 2.39 0.96 -25.56
C VAL A 578 3.75 0.26 -25.59
N LEU A 579 4.23 0.02 -26.81
CA LEU A 579 5.51 -0.63 -27.04
C LEU A 579 6.63 0.20 -26.40
N LEU A 580 6.36 1.49 -26.23
CA LEU A 580 7.32 2.39 -25.63
C LEU A 580 7.46 2.14 -24.14
N ALA A 581 6.34 1.88 -23.47
CA ALA A 581 6.37 1.61 -22.03
C ALA A 581 6.88 0.19 -21.84
N LYS A 582 6.37 -0.71 -22.67
CA LYS A 582 6.77 -2.12 -22.63
C LYS A 582 8.24 -2.26 -23.00
N LYS A 583 9.04 -1.26 -22.66
CA LYS A 583 10.46 -1.29 -22.98
C LYS A 583 11.26 -0.23 -22.24
N ALA A 584 10.61 0.87 -21.86
CA ALA A 584 11.28 1.95 -21.15
C ALA A 584 11.00 1.97 -19.64
N GLY A 585 9.77 1.63 -19.26
CA GLY A 585 9.40 1.61 -17.86
C GLY A 585 9.39 2.97 -17.18
N ALA A 586 9.78 2.99 -15.91
CA ALA A 586 9.81 4.21 -15.11
C ALA A 586 10.33 5.49 -15.77
N LEU A 587 10.91 5.37 -16.96
CA LEU A 587 11.44 6.53 -17.68
C LEU A 587 10.34 7.39 -18.26
N CYS A 588 9.24 6.72 -18.62
CA CYS A 588 8.07 7.34 -19.21
C CYS A 588 6.86 7.16 -18.30
N VAL A 589 6.91 7.72 -17.11
CA VAL A 589 5.80 7.59 -16.20
C VAL A 589 5.13 8.93 -16.06
N TYR A 590 5.76 9.84 -15.30
CA TYR A 590 5.21 11.16 -15.10
C TYR A 590 4.57 11.58 -16.41
N THR A 591 5.19 11.15 -17.51
CA THR A 591 4.71 11.50 -18.83
C THR A 591 3.58 10.62 -19.37
N LEU A 592 3.80 9.32 -19.45
CA LEU A 592 2.78 8.41 -19.96
C LEU A 592 1.51 8.40 -19.12
N ALA A 593 1.66 8.69 -17.83
CA ALA A 593 0.49 8.74 -16.96
C ALA A 593 -0.30 9.96 -17.43
N THR A 594 0.36 11.10 -17.41
CA THR A 594 -0.22 12.37 -17.82
C THR A 594 -0.91 12.30 -19.18
N ILE A 595 -0.45 11.45 -20.08
CA ILE A 595 -1.10 11.35 -21.39
C ILE A 595 -2.44 10.64 -21.20
N TYR A 596 -2.41 9.54 -20.46
CA TYR A 596 -3.61 8.75 -20.17
C TYR A 596 -4.51 9.46 -19.16
N ALA A 597 -3.89 10.19 -18.24
CA ALA A 597 -4.64 10.94 -17.24
C ALA A 597 -5.44 12.00 -17.99
N ASN A 598 -4.74 12.87 -18.72
CA ASN A 598 -5.38 13.93 -19.49
C ASN A 598 -6.31 13.36 -20.55
N LEU A 599 -5.83 12.39 -21.31
CA LEU A 599 -6.64 11.78 -22.36
C LEU A 599 -7.94 11.12 -21.88
N SER A 600 -8.07 10.93 -20.56
CA SER A 600 -9.27 10.31 -20.00
C SER A 600 -9.91 11.22 -18.96
N ASN A 601 -9.42 12.45 -18.90
CA ASN A 601 -9.92 13.44 -17.95
C ASN A 601 -9.97 12.80 -16.56
N ALA A 602 -8.83 12.79 -15.89
CA ALA A 602 -8.74 12.19 -14.57
C ALA A 602 -8.35 13.19 -13.49
N PHE A 603 -8.07 14.43 -13.89
CA PHE A 603 -7.73 15.45 -12.91
C PHE A 603 -9.05 16.03 -12.42
N GLU A 604 -9.03 16.87 -11.39
CA GLU A 604 -10.26 17.45 -10.85
C GLU A 604 -10.28 18.98 -10.70
N LYS A 605 -11.41 19.51 -10.25
CA LYS A 605 -11.60 20.96 -10.05
C LYS A 605 -12.59 21.20 -8.90
N PRO A 606 -12.35 22.23 -8.06
CA PRO A 606 -13.21 22.58 -6.90
C PRO A 606 -14.66 22.98 -7.18
N LYS A 607 -15.48 22.00 -7.54
CA LYS A 607 -16.90 22.25 -7.83
C LYS A 607 -17.63 22.73 -6.59
N PHE A 618 -24.50 39.48 -14.41
CA PHE A 618 -23.84 38.90 -15.57
C PHE A 618 -23.07 37.63 -15.19
N ALA A 619 -22.57 36.93 -16.22
CA ALA A 619 -21.79 35.69 -16.06
C ALA A 619 -21.98 34.80 -17.30
N LYS A 620 -21.05 33.89 -17.54
CA LYS A 620 -21.14 33.01 -18.69
C LYS A 620 -20.19 31.81 -18.60
N HIS A 621 -19.36 31.68 -19.59
CA HIS A 621 -18.37 30.60 -19.70
C HIS A 621 -18.88 29.15 -19.61
N HIS A 622 -20.05 28.90 -20.19
CA HIS A 622 -20.58 27.55 -20.22
C HIS A 622 -20.16 27.06 -21.61
N VAL A 623 -19.34 27.87 -22.27
CA VAL A 623 -18.82 27.56 -23.60
C VAL A 623 -17.46 26.85 -23.50
N PRO A 624 -16.53 27.38 -22.68
CA PRO A 624 -15.21 26.72 -22.56
C PRO A 624 -15.35 25.26 -22.12
N GLU A 625 -16.44 24.98 -21.42
CA GLU A 625 -16.77 23.65 -20.92
C GLU A 625 -17.11 22.75 -22.10
N THR A 626 -16.95 23.29 -23.30
CA THR A 626 -17.27 22.57 -24.52
C THR A 626 -16.19 21.58 -24.94
N HIS A 627 -15.67 21.79 -26.14
CA HIS A 627 -14.65 20.93 -26.68
C HIS A 627 -15.18 19.51 -26.68
N PRO A 628 -16.40 19.28 -27.18
CA PRO A 628 -16.97 17.94 -27.23
C PRO A 628 -15.88 16.95 -27.61
N LYS A 629 -15.17 16.53 -26.57
CA LYS A 629 -14.04 15.63 -26.68
C LYS A 629 -13.41 15.70 -25.29
N ASP A 630 -13.98 16.58 -24.46
CA ASP A 630 -13.54 16.80 -23.10
C ASP A 630 -14.82 16.84 -22.25
N THR A 631 -15.94 16.71 -22.94
CA THR A 631 -17.23 16.75 -22.29
C THR A 631 -17.87 15.38 -22.26
N GLU A 632 -19.20 15.39 -22.27
CA GLU A 632 -20.07 14.22 -22.24
C GLU A 632 -19.50 12.86 -22.67
N GLU A 633 -20.11 12.26 -23.69
CA GLU A 633 -19.75 10.93 -24.19
C GLU A 633 -18.42 10.80 -24.92
N TYR A 634 -17.66 11.88 -25.05
CA TYR A 634 -16.39 11.78 -25.76
C TYR A 634 -15.34 11.08 -24.91
N VAL A 635 -15.44 11.24 -23.59
CA VAL A 635 -14.50 10.62 -22.66
C VAL A 635 -14.46 9.12 -22.89
N GLU A 636 -15.63 8.54 -23.11
CA GLU A 636 -15.76 7.11 -23.34
C GLU A 636 -15.16 6.72 -24.69
N LYS A 637 -15.25 7.61 -25.67
CA LYS A 637 -14.71 7.34 -27.00
C LYS A 637 -13.20 7.13 -26.89
N ARG A 638 -12.60 7.82 -25.93
CA ARG A 638 -11.17 7.75 -25.69
C ARG A 638 -10.84 6.61 -24.73
N VAL A 639 -11.47 6.62 -23.57
CA VAL A 639 -11.23 5.58 -22.59
C VAL A 639 -11.44 4.22 -23.23
N ARG A 640 -12.56 4.05 -23.92
CA ARG A 640 -12.83 2.77 -24.56
C ARG A 640 -11.72 2.38 -25.52
N ALA A 641 -11.22 3.37 -26.27
CA ALA A 641 -10.17 3.14 -27.24
C ALA A 641 -8.80 2.85 -26.62
N LEU A 642 -8.40 3.65 -25.63
CA LEU A 642 -7.12 3.45 -24.96
C LEU A 642 -7.02 2.00 -24.50
N VAL A 643 -8.05 1.56 -23.80
CA VAL A 643 -8.12 0.20 -23.27
C VAL A 643 -8.02 -0.89 -24.33
N GLU A 644 -8.59 -0.64 -25.50
CA GLU A 644 -8.53 -1.62 -26.59
C GLU A 644 -7.12 -1.74 -27.14
N GLU A 645 -6.25 -0.83 -26.73
CA GLU A 645 -4.86 -0.81 -27.16
C GLU A 645 -3.95 -0.82 -25.94
N GLY A 646 -3.91 -1.96 -25.25
CA GLY A 646 -3.08 -2.07 -24.06
C GLY A 646 -3.55 -1.16 -22.93
N ALA A 647 -3.03 0.06 -22.92
CA ALA A 647 -3.39 1.05 -21.91
C ALA A 647 -3.05 0.56 -20.51
N VAL A 648 -3.63 -0.55 -20.10
CA VAL A 648 -3.36 -1.07 -18.77
C VAL A 648 -1.99 -1.75 -18.69
N PRO A 649 -1.73 -2.74 -19.56
CA PRO A 649 -0.44 -3.44 -19.55
C PRO A 649 0.72 -2.44 -19.55
N ALA A 650 0.42 -1.24 -20.02
CA ALA A 650 1.42 -0.19 -20.07
C ALA A 650 1.55 0.40 -18.68
N CYS A 651 0.41 0.61 -18.04
CA CYS A 651 0.39 1.17 -16.70
C CYS A 651 1.20 0.31 -15.77
N VAL A 652 1.06 -1.00 -15.92
CA VAL A 652 1.81 -1.89 -15.05
C VAL A 652 3.30 -1.77 -15.38
N ALA A 653 3.60 -1.69 -16.67
CA ALA A 653 4.97 -1.59 -17.15
C ALA A 653 5.75 -0.40 -16.58
N VAL A 654 5.09 0.74 -16.40
CA VAL A 654 5.77 1.92 -15.89
C VAL A 654 5.33 2.35 -14.48
N SER A 655 4.65 1.45 -13.77
CA SER A 655 4.13 1.72 -12.43
C SER A 655 5.11 1.43 -11.29
N LYS A 656 6.31 1.00 -11.64
CA LYS A 656 7.34 0.66 -10.67
C LYS A 656 8.21 1.86 -10.34
N THR A 657 7.60 2.82 -9.66
CA THR A 657 8.34 4.03 -9.28
C THR A 657 8.07 4.41 -7.85
N GLU A 658 9.11 4.72 -7.10
CA GLU A 658 8.94 5.15 -5.71
C GLU A 658 8.62 6.63 -5.85
N SER A 659 7.68 6.91 -6.76
CA SER A 659 7.23 8.25 -7.09
C SER A 659 6.35 8.93 -6.05
N LYS A 660 5.07 9.01 -6.38
CA LYS A 660 4.05 9.63 -5.54
C LYS A 660 2.88 10.02 -6.44
N ASN A 661 3.04 11.14 -7.14
CA ASN A 661 2.02 11.65 -8.03
C ASN A 661 1.90 10.76 -9.25
N ALA A 662 3.03 10.21 -9.69
CA ALA A 662 3.03 9.35 -10.86
C ALA A 662 2.00 8.25 -10.65
N LEU A 663 2.00 7.65 -9.47
CA LEU A 663 1.05 6.60 -9.16
C LEU A 663 -0.35 7.22 -9.22
N GLU A 664 -0.49 8.35 -8.51
CA GLU A 664 -1.75 9.06 -8.45
C GLU A 664 -2.39 9.22 -9.81
N LEU A 665 -1.58 9.23 -10.86
CA LEU A 665 -2.12 9.35 -12.21
C LEU A 665 -2.58 8.00 -12.73
N ILE A 666 -1.78 6.96 -12.55
CA ILE A 666 -2.18 5.63 -13.02
C ILE A 666 -3.46 5.26 -12.26
N ALA A 667 -3.59 5.83 -11.06
CA ALA A 667 -4.75 5.59 -10.23
C ALA A 667 -5.97 6.15 -10.92
N ARG A 668 -6.01 7.48 -11.01
CA ARG A 668 -7.10 8.19 -11.65
C ARG A 668 -7.36 7.57 -13.03
N SER A 669 -6.27 7.16 -13.67
CA SER A 669 -6.33 6.56 -14.99
C SER A 669 -6.97 5.18 -14.98
N LEU A 670 -6.81 4.44 -13.90
CA LEU A 670 -7.41 3.12 -13.82
C LEU A 670 -8.79 3.25 -13.24
N LEU A 671 -8.97 4.21 -12.35
CA LEU A 671 -10.27 4.42 -11.74
C LEU A 671 -11.22 4.75 -12.88
N ALA A 672 -10.87 5.77 -13.66
CA ALA A 672 -11.68 6.22 -14.78
C ALA A 672 -11.68 5.28 -16.00
N PHE A 673 -11.03 4.12 -15.87
CA PHE A 673 -11.01 3.14 -16.95
C PHE A 673 -12.11 2.12 -16.72
N ALA A 674 -12.27 1.75 -15.43
CA ALA A 674 -13.28 0.78 -15.01
C ALA A 674 -14.51 1.52 -14.58
N GLU A 675 -15.42 1.73 -15.52
CA GLU A 675 -16.66 2.43 -15.24
C GLU A 675 -17.50 2.31 -16.49
N TYR A 676 -17.30 1.21 -17.22
CA TYR A 676 -18.03 0.98 -18.46
C TYR A 676 -18.49 -0.48 -18.61
N GLU A 677 -18.59 -1.17 -17.47
CA GLU A 677 -19.04 -2.55 -17.42
C GLU A 677 -18.23 -3.59 -18.20
N ASP A 678 -18.61 -3.85 -19.44
CA ASP A 678 -17.92 -4.84 -20.26
C ASP A 678 -16.43 -4.53 -20.41
N LEU A 679 -16.03 -3.41 -19.82
CA LEU A 679 -14.65 -2.97 -19.86
C LEU A 679 -13.89 -3.65 -18.71
N ARG A 680 -14.40 -3.53 -17.48
CA ARG A 680 -13.77 -4.14 -16.32
C ARG A 680 -13.55 -5.64 -16.52
N GLY A 681 -14.35 -6.22 -17.41
CA GLY A 681 -14.24 -7.65 -17.69
C GLY A 681 -12.97 -8.04 -18.41
N ARG A 682 -12.12 -7.05 -18.67
CA ARG A 682 -10.84 -7.28 -19.33
C ARG A 682 -9.72 -6.70 -18.48
N ILE A 683 -9.86 -5.45 -18.07
CA ILE A 683 -8.83 -4.78 -17.25
C ILE A 683 -8.56 -5.60 -16.00
N ILE A 684 -9.52 -6.44 -15.65
CA ILE A 684 -9.36 -7.27 -14.49
C ILE A 684 -8.27 -8.27 -14.87
N ALA A 685 -8.38 -8.79 -16.09
CA ALA A 685 -7.44 -9.77 -16.64
C ALA A 685 -6.09 -9.20 -17.07
N GLU A 686 -5.99 -7.87 -17.11
CA GLU A 686 -4.74 -7.21 -17.50
C GLU A 686 -3.98 -6.74 -16.27
N GLY A 687 -4.16 -7.45 -15.16
CA GLY A 687 -3.48 -7.12 -13.92
C GLY A 687 -4.04 -5.93 -13.16
N GLY A 688 -5.28 -5.55 -13.47
CA GLY A 688 -5.90 -4.42 -12.82
C GLY A 688 -5.75 -4.52 -11.32
N THR A 689 -6.56 -5.41 -10.75
CA THR A 689 -6.60 -5.69 -9.32
C THR A 689 -5.23 -5.68 -8.63
N VAL A 690 -4.31 -6.47 -9.16
CA VAL A 690 -2.97 -6.57 -8.62
C VAL A 690 -2.29 -5.20 -8.48
N LEU A 691 -2.42 -4.40 -9.52
CA LEU A 691 -1.82 -3.07 -9.58
C LEU A 691 -2.44 -2.09 -8.59
N CYS A 692 -3.73 -1.83 -8.74
CA CYS A 692 -4.44 -0.90 -7.87
C CYS A 692 -4.12 -1.27 -6.45
N LEU A 693 -4.14 -2.58 -6.19
CA LEU A 693 -3.84 -3.11 -4.87
C LEU A 693 -2.52 -2.48 -4.39
N ARG A 694 -1.49 -2.64 -5.21
CA ARG A 694 -0.17 -2.07 -4.91
C ARG A 694 -0.35 -0.58 -4.69
N LEU A 695 -0.96 0.07 -5.68
CA LEU A 695 -1.24 1.51 -5.64
C LEU A 695 -1.67 1.99 -4.25
N THR A 696 -2.52 1.20 -3.59
CA THR A 696 -3.03 1.52 -2.26
C THR A 696 -1.89 1.72 -1.25
N LYS A 697 -1.08 0.69 -1.08
CA LYS A 697 0.03 0.76 -0.15
C LYS A 697 0.99 1.83 -0.64
N GLU A 698 1.45 1.65 -1.88
CA GLU A 698 2.40 2.53 -2.54
C GLU A 698 1.96 3.97 -2.82
N ALA A 699 1.02 4.18 -3.74
CA ALA A 699 0.55 5.52 -4.12
C ALA A 699 0.51 6.53 -2.97
N SER A 700 0.52 7.81 -3.30
CA SER A 700 0.51 8.84 -2.28
C SER A 700 -0.83 9.54 -2.14
N GLY A 701 -1.05 10.15 -0.96
CA GLY A 701 -2.28 10.86 -0.66
C GLY A 701 -3.58 10.36 -1.26
N GLU A 702 -4.23 11.25 -2.02
CA GLU A 702 -5.49 10.93 -2.70
C GLU A 702 -5.29 9.75 -3.63
N GLY A 703 -4.03 9.42 -3.90
CA GLY A 703 -3.71 8.32 -4.79
C GLY A 703 -4.23 7.02 -4.23
N LYS A 704 -3.91 6.77 -2.96
CA LYS A 704 -4.35 5.57 -2.27
C LYS A 704 -5.87 5.50 -2.44
N ILE A 705 -6.52 6.59 -2.06
CA ILE A 705 -7.96 6.73 -2.13
C ILE A 705 -8.51 6.31 -3.50
N LYS A 706 -8.01 6.95 -4.56
CA LYS A 706 -8.45 6.65 -5.91
C LYS A 706 -8.30 5.17 -6.25
N ALA A 707 -7.15 4.61 -5.89
CA ALA A 707 -6.85 3.20 -6.14
C ALA A 707 -8.01 2.38 -5.64
N GLY A 708 -8.32 2.52 -4.35
CA GLY A 708 -9.42 1.78 -3.75
C GLY A 708 -10.71 1.85 -4.54
N HIS A 709 -11.27 3.05 -4.66
CA HIS A 709 -12.51 3.26 -5.40
C HIS A 709 -12.47 2.42 -6.68
N ALA A 710 -11.32 2.48 -7.36
CA ALA A 710 -11.10 1.75 -8.61
C ALA A 710 -11.35 0.27 -8.44
N ILE A 711 -10.86 -0.27 -7.33
CA ILE A 711 -11.04 -1.67 -7.06
C ILE A 711 -12.50 -1.90 -6.72
N ALA A 712 -12.98 -1.13 -5.75
CA ALA A 712 -14.37 -1.21 -5.32
C ALA A 712 -15.29 -1.16 -6.53
N LYS A 713 -14.87 -0.39 -7.55
CA LYS A 713 -15.65 -0.26 -8.77
C LYS A 713 -15.33 -1.33 -9.81
N LEU A 714 -14.19 -1.99 -9.64
CA LEU A 714 -13.80 -3.04 -10.58
C LEU A 714 -14.62 -4.27 -10.17
N GLY A 715 -14.68 -4.52 -8.87
CA GLY A 715 -15.42 -5.66 -8.35
C GLY A 715 -16.79 -5.25 -7.85
N ALA A 716 -17.81 -5.97 -8.31
CA ALA A 716 -19.19 -5.69 -7.92
C ALA A 716 -20.06 -6.49 -8.85
N LYS A 717 -20.18 -6.04 -10.11
CA LYS A 717 -20.96 -6.72 -11.13
C LYS A 717 -20.06 -7.79 -11.75
N ALA A 718 -19.05 -8.22 -11.01
CA ALA A 718 -18.09 -9.23 -11.46
C ALA A 718 -17.81 -10.26 -10.36
N ASP A 719 -17.64 -11.52 -10.77
CA ASP A 719 -17.37 -12.66 -9.89
C ASP A 719 -16.11 -12.48 -9.03
N PRO A 720 -16.24 -12.68 -7.72
CA PRO A 720 -15.11 -12.53 -6.80
C PRO A 720 -14.02 -13.57 -7.01
N ILE A 722 -13.19 -14.99 -10.21
CA ILE A 722 -12.49 -14.56 -11.42
C ILE A 722 -11.99 -13.11 -11.29
N SER A 723 -11.37 -12.82 -10.14
CA SER A 723 -10.82 -11.49 -9.89
C SER A 723 -9.87 -11.50 -8.70
N PHE A 724 -10.36 -11.86 -7.52
CA PHE A 724 -9.52 -11.89 -6.32
C PHE A 724 -9.15 -13.29 -5.83
N PRO A 725 -8.55 -14.11 -6.72
CA PRO A 725 -8.18 -15.46 -6.28
C PRO A 725 -7.07 -15.51 -5.24
N GLY A 726 -6.38 -16.64 -5.22
CA GLY A 726 -5.28 -16.88 -4.30
C GLY A 726 -4.91 -15.86 -3.24
N GLN A 727 -5.72 -15.78 -2.19
CA GLN A 727 -5.44 -14.86 -1.09
C GLN A 727 -5.34 -13.42 -1.57
N ARG A 728 -5.69 -13.18 -2.83
CA ARG A 728 -5.65 -11.83 -3.38
C ARG A 728 -6.71 -11.10 -2.56
N ALA A 729 -7.83 -11.78 -2.35
CA ALA A 729 -8.99 -11.30 -1.63
C ALA A 729 -8.76 -10.69 -0.25
N TYR A 730 -7.73 -11.12 0.46
CA TYR A 730 -7.49 -10.60 1.81
C TYR A 730 -7.09 -9.14 1.85
N GLU A 731 -6.06 -8.78 1.11
CA GLU A 731 -5.58 -7.40 1.09
C GLU A 731 -6.64 -6.45 0.54
N VAL A 732 -7.49 -6.98 -0.34
CA VAL A 732 -8.55 -6.21 -0.98
C VAL A 732 -9.62 -5.76 0.01
N VAL A 733 -9.30 -5.76 1.29
CA VAL A 733 -10.27 -5.38 2.31
C VAL A 733 -9.93 -4.09 3.05
N LYS A 734 -8.80 -4.07 3.76
CA LYS A 734 -8.40 -2.87 4.48
C LYS A 734 -8.81 -1.60 3.70
N PRO A 735 -8.58 -1.58 2.37
CA PRO A 735 -8.94 -0.41 1.58
C PRO A 735 -10.43 -0.04 1.67
N LEU A 736 -11.25 -0.78 0.91
CA LEU A 736 -12.69 -0.53 0.88
C LEU A 736 -13.38 -0.74 2.21
N CYS A 737 -12.70 -0.31 3.28
CA CYS A 737 -13.21 -0.39 4.64
C CYS A 737 -12.74 0.91 5.27
N ASP A 738 -11.65 1.44 4.70
CA ASP A 738 -11.10 2.70 5.15
C ASP A 738 -11.76 3.78 4.31
N LEU A 739 -12.35 3.36 3.19
CA LEU A 739 -13.02 4.31 2.29
C LEU A 739 -14.47 4.56 2.69
N LEU A 740 -15.04 3.67 3.51
CA LEU A 740 -16.41 3.83 3.96
C LEU A 740 -16.39 4.82 5.12
N HIS A 741 -15.35 4.73 5.95
CA HIS A 741 -15.18 5.63 7.10
C HIS A 741 -15.65 7.02 6.65
N PRO A 742 -15.07 7.54 5.57
CA PRO A 742 -15.54 8.86 5.13
C PRO A 742 -16.93 8.58 4.53
N ASP A 743 -17.90 8.33 5.41
CA ASP A 743 -19.25 8.03 5.01
C ASP A 743 -20.19 9.22 5.24
N VAL A 744 -19.63 10.34 5.68
CA VAL A 744 -20.41 11.54 5.93
C VAL A 744 -21.18 11.92 4.64
N GLU A 745 -21.04 11.06 3.63
CA GLU A 745 -21.70 11.15 2.30
C GLU A 745 -20.70 11.24 1.16
N GLY A 746 -21.12 10.76 -0.01
CA GLY A 746 -20.28 10.81 -1.21
C GLY A 746 -19.46 9.55 -1.46
N LYS A 747 -18.53 9.65 -2.40
CA LYS A 747 -17.63 8.55 -2.77
C LYS A 747 -18.29 7.40 -3.56
N ALA A 748 -17.73 6.20 -3.37
CA ALA A 748 -18.23 5.00 -4.02
C ALA A 748 -18.63 3.99 -2.95
N ASN A 749 -19.15 4.51 -1.84
CA ASN A 749 -19.57 3.64 -0.75
C ASN A 749 -20.43 2.53 -1.34
N TYR A 750 -21.35 2.87 -2.22
CA TYR A 750 -22.23 1.88 -2.86
C TYR A 750 -21.45 0.86 -3.69
N ASP A 751 -20.34 1.28 -4.30
CA ASP A 751 -19.51 0.40 -5.11
C ASP A 751 -18.66 -0.50 -4.21
N SER A 752 -18.26 0.06 -3.06
CA SER A 752 -17.45 -0.66 -2.08
C SER A 752 -18.29 -1.77 -1.44
N LEU A 753 -19.58 -1.51 -1.30
CA LEU A 753 -20.48 -2.47 -0.69
C LEU A 753 -20.85 -3.61 -1.62
N LEU A 754 -21.33 -3.31 -2.81
CA LEU A 754 -21.72 -4.37 -3.77
C LEU A 754 -20.58 -5.36 -4.03
N THR A 755 -19.37 -4.98 -3.65
CA THR A 755 -18.21 -5.85 -3.83
C THR A 755 -17.95 -6.55 -2.51
N LEU A 756 -17.86 -5.76 -1.44
CA LEU A 756 -17.62 -6.28 -0.10
C LEU A 756 -18.64 -7.38 0.20
N THR A 757 -19.84 -7.21 -0.35
CA THR A 757 -20.94 -8.16 -0.21
C THR A 757 -20.57 -9.38 -1.04
N ASN A 758 -20.33 -9.13 -2.31
CA ASN A 758 -19.96 -10.16 -3.27
C ASN A 758 -18.62 -10.76 -2.84
N LEU A 759 -17.99 -10.12 -1.85
CA LEU A 759 -16.72 -10.59 -1.34
C LEU A 759 -16.94 -11.54 -0.17
N ALA A 760 -17.69 -11.09 0.83
CA ALA A 760 -17.98 -11.91 2.01
C ALA A 760 -18.78 -13.16 1.66
N SER A 761 -19.26 -13.23 0.42
CA SER A 761 -20.04 -14.38 -0.03
C SER A 761 -19.29 -15.69 0.17
N VAL A 762 -18.23 -15.90 -0.61
CA VAL A 762 -17.45 -17.13 -0.51
C VAL A 762 -16.22 -17.02 0.40
N SER A 763 -16.02 -18.03 1.24
CA SER A 763 -14.91 -18.12 2.20
C SER A 763 -15.13 -17.35 3.50
N ASP A 764 -14.72 -17.97 4.60
CA ASP A 764 -14.88 -17.37 5.92
C ASP A 764 -13.69 -16.50 6.33
N SER A 765 -12.51 -16.84 5.83
CA SER A 765 -11.32 -16.05 6.16
C SER A 765 -11.64 -14.63 5.74
N ILE A 766 -12.46 -14.51 4.69
CA ILE A 766 -12.88 -13.22 4.15
C ILE A 766 -13.64 -12.47 5.23
N ARG A 767 -14.86 -12.93 5.50
CA ARG A 767 -15.74 -12.35 6.51
C ARG A 767 -14.96 -12.17 7.81
N GLY A 768 -14.00 -13.06 8.05
CA GLY A 768 -13.18 -12.98 9.24
C GLY A 768 -12.49 -11.63 9.29
N ARG A 769 -11.78 -11.30 8.22
CA ARG A 769 -11.09 -10.03 8.15
C ARG A 769 -12.08 -8.87 8.15
N ILE A 770 -13.09 -8.93 7.28
CA ILE A 770 -14.10 -7.87 7.19
C ILE A 770 -14.55 -7.45 8.59
N LEU A 771 -14.71 -8.43 9.47
CA LEU A 771 -15.15 -8.20 10.84
C LEU A 771 -14.04 -7.53 11.66
N LYS A 772 -12.99 -8.27 11.96
CA LYS A 772 -11.85 -7.75 12.74
C LYS A 772 -11.50 -6.31 12.35
N GLU A 773 -11.81 -5.94 11.11
CA GLU A 773 -11.50 -4.62 10.59
C GLU A 773 -12.21 -3.47 11.33
N LYS A 774 -13.04 -3.79 12.32
CA LYS A 774 -13.76 -2.75 13.05
C LYS A 774 -14.61 -1.99 12.02
N ALA A 775 -14.98 -2.71 10.96
CA ALA A 775 -15.76 -2.15 9.85
C ALA A 775 -17.28 -2.12 10.01
N ILE A 776 -17.84 -3.19 10.55
CA ILE A 776 -19.29 -3.26 10.72
C ILE A 776 -19.94 -2.15 11.54
N PRO A 777 -19.26 -1.62 12.57
CA PRO A 777 -19.89 -0.55 13.34
C PRO A 777 -20.23 0.62 12.42
N LYS A 778 -19.74 0.53 11.20
CA LYS A 778 -19.97 1.55 10.20
C LYS A 778 -20.96 1.04 9.17
N ILE A 779 -20.65 -0.10 8.54
CA ILE A 779 -21.54 -0.68 7.52
C ILE A 779 -22.97 -0.76 8.05
N GLU A 780 -23.09 -0.78 9.37
CA GLU A 780 -24.37 -0.85 10.03
C GLU A 780 -25.18 0.40 9.71
N GLU A 781 -24.49 1.54 9.62
CA GLU A 781 -25.15 2.80 9.33
C GLU A 781 -25.71 2.87 7.91
N PHE A 782 -25.35 1.91 7.06
CA PHE A 782 -25.88 1.87 5.69
C PHE A 782 -27.15 1.05 5.74
N TRP A 783 -27.68 0.98 6.96
CA TRP A 783 -28.89 0.22 7.24
C TRP A 783 -29.91 1.16 7.89
N PHE A 784 -29.41 2.08 8.74
CA PHE A 784 -30.25 3.06 9.45
C PHE A 784 -30.60 4.25 8.55
N THR A 786 -32.90 6.24 5.28
CA THR A 786 -34.23 6.39 4.69
C THR A 786 -34.19 6.32 3.16
N ASP A 787 -34.04 7.48 2.53
CA ASP A 787 -34.00 7.56 1.08
C ASP A 787 -32.61 7.30 0.55
N HIS A 788 -32.29 6.01 0.44
CA HIS A 788 -31.02 5.55 -0.07
C HIS A 788 -31.30 4.11 -0.44
N GLU A 789 -32.52 3.90 -0.94
CA GLU A 789 -33.00 2.59 -1.36
C GLU A 789 -31.89 1.69 -1.90
N HIS A 790 -30.82 2.29 -2.41
CA HIS A 790 -29.71 1.53 -2.98
C HIS A 790 -28.60 1.24 -1.97
N LEU A 791 -28.16 2.26 -1.25
CA LEU A 791 -27.10 2.14 -0.25
C LEU A 791 -27.51 1.32 0.98
N ARG A 792 -28.71 0.72 0.92
CA ARG A 792 -29.21 -0.08 2.03
C ARG A 792 -29.43 -1.50 1.52
N ALA A 793 -29.79 -1.61 0.25
CA ALA A 793 -30.00 -2.91 -0.40
C ALA A 793 -28.63 -3.58 -0.45
N ALA A 794 -27.61 -2.76 -0.25
CA ALA A 794 -26.23 -3.24 -0.26
C ALA A 794 -25.97 -3.81 1.12
N ALA A 795 -25.89 -2.93 2.12
CA ALA A 795 -25.65 -3.32 3.51
C ALA A 795 -26.51 -4.53 3.83
N ALA A 796 -27.62 -4.64 3.12
CA ALA A 796 -28.53 -5.76 3.31
C ALA A 796 -27.81 -7.02 2.82
N GLU A 797 -27.81 -7.22 1.51
CA GLU A 797 -27.18 -8.37 0.89
C GLU A 797 -25.82 -8.69 1.50
N LEU A 798 -25.18 -7.67 2.09
CA LEU A 798 -23.87 -7.83 2.74
C LEU A 798 -24.03 -8.50 4.09
N LEU A 799 -24.71 -7.79 5.00
CA LEU A 799 -24.94 -8.30 6.34
C LEU A 799 -25.63 -9.69 6.36
N LEU A 800 -26.05 -10.20 5.20
CA LEU A 800 -26.67 -11.53 5.13
C LEU A 800 -25.52 -12.52 4.96
N ASN A 801 -24.58 -12.16 4.10
CA ASN A 801 -23.43 -12.99 3.84
C ASN A 801 -22.34 -12.71 4.86
N LEU A 802 -22.53 -11.67 5.67
CA LEU A 802 -21.55 -11.28 6.70
C LEU A 802 -21.77 -12.08 7.98
N LEU A 803 -22.98 -12.55 8.20
CA LEU A 803 -23.27 -13.36 9.37
C LEU A 803 -23.49 -14.78 8.89
N PHE A 804 -23.30 -14.98 7.59
CA PHE A 804 -23.49 -16.30 6.98
C PHE A 804 -22.57 -17.35 7.57
N PHE A 805 -22.02 -17.08 8.74
CA PHE A 805 -21.15 -18.01 9.47
C PHE A 805 -20.44 -17.43 10.69
N GLU A 806 -20.76 -18.04 11.85
CA GLU A 806 -20.23 -17.73 13.18
C GLU A 806 -19.62 -16.36 13.44
N LYS A 807 -18.91 -16.28 14.57
CA LYS A 807 -18.24 -15.07 15.03
C LYS A 807 -19.18 -13.87 15.16
N PHE A 808 -19.83 -13.54 14.05
CA PHE A 808 -20.76 -12.43 13.98
C PHE A 808 -22.20 -12.93 13.88
N TYR A 809 -22.40 -14.23 14.05
CA TYR A 809 -23.75 -14.80 13.99
C TYR A 809 -24.30 -14.78 15.41
N GLU A 810 -23.45 -15.16 16.35
CA GLU A 810 -23.81 -15.20 17.75
C GLU A 810 -23.62 -13.83 18.38
N GLU A 811 -23.18 -12.87 17.58
CA GLU A 811 -22.97 -11.51 18.06
C GLU A 811 -24.22 -10.69 17.79
N THR A 812 -25.05 -11.19 16.88
CA THR A 812 -26.28 -10.51 16.50
C THR A 812 -27.52 -11.21 17.10
N VAL A 813 -27.31 -12.06 18.11
CA VAL A 813 -28.43 -12.78 18.73
C VAL A 813 -28.52 -12.70 20.25
N ALA A 814 -27.39 -12.86 20.95
CA ALA A 814 -27.38 -12.83 22.40
C ALA A 814 -27.23 -11.45 23.06
N PRO A 815 -26.05 -10.83 22.94
CA PRO A 815 -25.76 -9.53 23.53
C PRO A 815 -26.97 -8.72 23.99
N GLY A 816 -27.79 -8.29 23.04
CA GLY A 816 -28.96 -7.51 23.37
C GLY A 816 -29.02 -6.24 22.54
N THR A 817 -28.47 -6.30 21.32
CA THR A 817 -28.47 -5.17 20.40
C THR A 817 -29.70 -5.30 19.51
N ASP A 818 -30.52 -4.25 19.48
CA ASP A 818 -31.76 -4.23 18.69
C ASP A 818 -31.68 -4.87 17.30
N ARG A 819 -30.49 -5.32 16.91
CA ARG A 819 -30.26 -5.95 15.61
C ARG A 819 -31.47 -6.71 15.07
N LEU A 820 -31.67 -7.93 15.57
CA LEU A 820 -32.79 -8.79 15.13
C LEU A 820 -34.02 -8.02 14.66
N LYS A 821 -34.42 -7.01 15.43
CA LYS A 821 -35.60 -6.22 15.11
C LYS A 821 -35.80 -5.94 13.62
N LEU A 822 -34.76 -5.42 12.96
CA LEU A 822 -34.85 -5.10 11.55
C LEU A 822 -34.82 -6.33 10.62
N TRP A 823 -34.03 -7.34 10.94
CA TRP A 823 -33.98 -8.53 10.09
C TRP A 823 -35.39 -9.11 9.95
N VAL A 824 -36.21 -8.85 10.96
CA VAL A 824 -37.58 -9.32 10.96
C VAL A 824 -38.41 -8.18 10.36
N LEU A 825 -38.18 -6.96 10.83
CA LEU A 825 -38.90 -5.78 10.34
C LEU A 825 -38.72 -5.52 8.84
N TYR A 826 -37.57 -5.92 8.30
CA TYR A 826 -37.25 -5.72 6.88
C TYR A 826 -37.91 -6.69 5.91
N SER A 827 -37.99 -7.96 6.32
CA SER A 827 -38.63 -8.95 5.47
C SER A 827 -40.07 -8.49 5.34
N ALA A 828 -40.48 -7.67 6.30
CA ALA A 828 -41.82 -7.12 6.38
C ALA A 828 -41.97 -5.76 5.71
N GLU A 829 -41.17 -4.78 6.15
CA GLU A 829 -41.21 -3.42 5.60
C GLU A 829 -40.87 -3.47 4.12
N VAL A 830 -41.71 -4.15 3.37
CA VAL A 830 -41.54 -4.30 1.94
C VAL A 830 -42.54 -3.44 1.19
N GLU A 831 -42.00 -2.52 0.42
CA GLU A 831 -42.76 -1.60 -0.40
C GLU A 831 -41.84 -1.49 -1.60
N GLU A 832 -40.58 -1.85 -1.34
CA GLU A 832 -39.52 -1.85 -2.34
C GLU A 832 -39.31 -3.30 -2.78
N GLU A 833 -38.37 -3.99 -2.14
CA GLU A 833 -38.09 -5.38 -2.50
C GLU A 833 -36.84 -5.90 -1.80
N ARG A 834 -35.76 -6.03 -2.57
CA ARG A 834 -34.48 -6.53 -2.08
C ARG A 834 -34.28 -6.45 -0.56
N LEU A 835 -34.55 -5.29 0.03
CA LEU A 835 -34.38 -5.13 1.47
C LEU A 835 -35.12 -6.26 2.19
N SER A 836 -36.02 -6.90 1.45
CA SER A 836 -36.82 -8.01 1.96
C SER A 836 -36.01 -9.28 1.71
N ARG A 837 -36.16 -9.86 0.51
CA ARG A 837 -35.47 -11.08 0.10
C ARG A 837 -34.15 -11.26 0.84
N ALA A 838 -33.46 -10.15 1.08
CA ALA A 838 -32.20 -10.17 1.80
C ALA A 838 -32.50 -10.38 3.28
N SER A 839 -32.93 -9.32 3.97
CA SER A 839 -33.24 -9.41 5.39
C SER A 839 -34.29 -10.48 5.69
N ALA A 840 -34.74 -11.18 4.65
CA ALA A 840 -35.73 -12.24 4.78
C ALA A 840 -35.05 -13.59 4.62
N ALA A 841 -34.12 -13.70 3.67
CA ALA A 841 -33.39 -14.95 3.49
C ALA A 841 -32.59 -15.04 4.77
N GLY A 842 -32.43 -13.90 5.43
CA GLY A 842 -31.71 -13.81 6.69
C GLY A 842 -32.68 -13.86 7.86
N PHE A 843 -33.91 -14.24 7.56
CA PHE A 843 -34.97 -14.39 8.55
C PHE A 843 -35.07 -15.88 8.82
N ALA A 844 -35.02 -16.66 7.74
CA ALA A 844 -35.09 -18.12 7.83
C ALA A 844 -33.79 -18.71 8.37
N ILE A 845 -32.71 -18.55 7.61
CA ILE A 845 -31.40 -19.08 8.01
C ILE A 845 -30.97 -18.56 9.39
N LEU A 846 -31.67 -17.56 9.90
CA LEU A 846 -31.34 -16.99 11.20
C LEU A 846 -32.19 -17.66 12.28
N THR A 847 -33.44 -17.97 11.92
CA THR A 847 -34.37 -18.61 12.85
C THR A 847 -33.92 -20.00 13.31
N GLU A 848 -32.94 -20.57 12.62
CA GLU A 848 -32.46 -21.90 12.99
C GLU A 848 -31.95 -21.91 14.43
N ASP A 849 -32.04 -20.77 15.10
CA ASP A 849 -31.60 -20.67 16.49
C ASP A 849 -32.78 -20.44 17.43
N GLU A 850 -32.77 -21.15 18.56
CA GLU A 850 -33.84 -21.04 19.54
C GLU A 850 -33.76 -19.77 20.39
N ASN A 851 -32.65 -19.56 21.08
CA ASN A 851 -32.47 -18.37 21.92
C ASN A 851 -32.91 -17.14 21.14
N ALA A 852 -32.95 -17.29 19.81
CA ALA A 852 -33.37 -16.22 18.91
C ALA A 852 -34.84 -15.89 19.14
N CYS A 853 -35.71 -16.84 18.82
CA CYS A 853 -37.15 -16.67 18.99
C CYS A 853 -37.50 -16.12 20.37
N ALA A 854 -36.52 -16.11 21.25
CA ALA A 854 -36.69 -15.63 22.62
C ALA A 854 -36.61 -14.12 22.75
N ARG A 855 -35.71 -13.50 21.99
CA ARG A 855 -35.55 -12.05 22.06
C ARG A 855 -36.61 -11.32 21.23
N ILE A 856 -37.25 -12.04 20.32
CA ILE A 856 -38.30 -11.47 19.45
C ILE A 856 -39.69 -11.51 20.09
N ASP A 858 -41.01 -11.69 22.64
CA ASP A 858 -41.27 -11.01 23.91
C ASP A 858 -40.88 -9.52 23.91
N GLU A 859 -40.19 -9.10 22.85
CA GLU A 859 -39.77 -7.70 22.69
C GLU A 859 -40.38 -7.10 21.43
N ILE A 860 -40.82 -7.96 20.52
CA ILE A 860 -41.42 -7.52 19.27
C ILE A 860 -42.91 -7.22 19.41
N LYS A 861 -43.25 -6.31 20.32
CA LYS A 861 -44.64 -5.95 20.50
C LYS A 861 -45.16 -5.55 19.12
N SER A 862 -46.24 -6.20 18.70
CA SER A 862 -46.89 -5.97 17.41
C SER A 862 -46.35 -6.92 16.34
N TRP A 863 -45.64 -7.95 16.77
CA TRP A 863 -45.11 -8.92 15.84
C TRP A 863 -46.18 -9.54 14.94
N PRO A 864 -47.39 -9.78 15.47
CA PRO A 864 -48.41 -10.37 14.61
C PRO A 864 -48.63 -9.58 13.32
N GLU A 865 -48.82 -8.27 13.46
CA GLU A 865 -49.02 -7.46 12.26
C GLU A 865 -47.84 -7.71 11.32
N VAL A 866 -46.64 -7.54 11.85
CA VAL A 866 -45.43 -7.74 11.06
C VAL A 866 -45.42 -9.13 10.41
N PHE A 867 -45.65 -10.15 11.22
CA PHE A 867 -45.69 -11.54 10.76
C PHE A 867 -46.74 -11.71 9.67
N LYS A 868 -47.90 -11.12 9.88
CA LYS A 868 -49.00 -11.19 8.94
C LYS A 868 -48.59 -10.50 7.65
N ASP A 869 -47.97 -9.33 7.78
CA ASP A 869 -47.50 -8.61 6.62
C ASP A 869 -46.68 -9.59 5.79
N ILE A 870 -45.60 -10.09 6.39
CA ILE A 870 -44.71 -11.02 5.71
C ILE A 870 -45.43 -12.34 5.46
N ALA A 871 -46.47 -12.60 6.23
CA ALA A 871 -47.23 -13.84 6.10
C ALA A 871 -47.56 -14.14 4.65
N HIS A 873 -47.38 -11.65 2.30
CA HIS A 873 -46.82 -10.53 1.55
C HIS A 873 -46.74 -10.91 0.08
N GLU A 874 -47.01 -9.95 -0.80
CA GLU A 874 -47.01 -10.22 -2.23
C GLU A 874 -45.65 -10.38 -2.91
N ASP A 875 -44.56 -10.09 -2.20
CA ASP A 875 -43.24 -10.24 -2.81
C ASP A 875 -42.79 -11.69 -2.76
N ALA A 876 -42.86 -12.37 -3.90
CA ALA A 876 -42.44 -13.76 -3.99
C ALA A 876 -41.09 -13.84 -3.27
N GLU A 877 -40.73 -15.03 -2.82
CA GLU A 877 -39.47 -15.22 -2.12
C GLU A 877 -39.53 -14.57 -0.74
N THR A 878 -40.24 -13.44 -0.62
CA THR A 878 -40.35 -12.77 0.67
C THR A 878 -41.42 -13.47 1.51
N GLN A 879 -42.43 -14.01 0.84
CA GLN A 879 -43.49 -14.73 1.55
C GLN A 879 -43.07 -16.19 1.61
N ARG A 880 -41.94 -16.49 0.98
CA ARG A 880 -41.41 -17.85 1.00
C ARG A 880 -40.28 -17.88 2.03
N ARG A 881 -39.44 -16.86 2.01
CA ARG A 881 -38.35 -16.76 2.97
C ARG A 881 -38.92 -16.19 4.26
N GLY A 882 -39.97 -15.39 4.12
CA GLY A 882 -40.60 -14.81 5.30
C GLY A 882 -41.29 -15.91 6.08
N LEU A 883 -42.11 -16.71 5.40
CA LEU A 883 -42.83 -17.82 6.03
C LEU A 883 -41.88 -18.86 6.60
N GLY A 885 -39.23 -18.31 7.61
CA GLY A 885 -38.62 -17.63 8.75
C GLY A 885 -39.50 -17.73 9.97
N ILE A 886 -40.80 -17.59 9.77
CA ILE A 886 -41.78 -17.68 10.86
C ILE A 886 -42.13 -19.14 11.14
N ALA A 887 -42.10 -19.96 10.09
CA ALA A 887 -42.42 -21.39 10.20
C ALA A 887 -41.45 -22.16 11.09
N ASN A 888 -40.30 -21.56 11.40
CA ASN A 888 -39.32 -22.22 12.26
C ASN A 888 -39.17 -21.49 13.59
N ILE A 889 -40.07 -20.55 13.84
CA ILE A 889 -40.10 -19.78 15.09
C ILE A 889 -41.10 -20.50 15.98
N HIS A 891 -41.76 -23.70 15.20
CA HIS A 891 -41.34 -25.08 15.03
C HIS A 891 -40.35 -25.48 16.10
N SER A 892 -40.04 -24.54 16.98
CA SER A 892 -39.12 -24.79 18.07
C SER A 892 -39.41 -23.77 19.15
N SER A 893 -40.23 -24.20 20.11
CA SER A 893 -40.68 -23.43 21.27
C SER A 893 -42.20 -23.29 21.13
N ASN A 894 -42.92 -23.99 22.01
CA ASN A 894 -44.38 -24.01 22.00
C ASN A 894 -45.03 -22.70 22.43
N LYS A 895 -44.45 -22.03 23.44
CA LYS A 895 -44.97 -20.75 23.93
C LYS A 895 -45.12 -19.78 22.77
N LEU A 896 -44.53 -20.16 21.64
CA LEU A 896 -44.56 -19.36 20.42
C LEU A 896 -45.51 -19.98 19.41
N CYS A 897 -45.53 -21.30 19.36
CA CYS A 897 -46.41 -21.99 18.44
C CYS A 897 -47.85 -21.72 18.86
N SER A 898 -48.03 -21.47 20.15
CA SER A 898 -49.35 -21.18 20.71
C SER A 898 -49.88 -19.85 20.19
N GLU A 899 -48.96 -18.99 19.78
CA GLU A 899 -49.33 -17.67 19.26
C GLU A 899 -49.83 -17.84 17.82
N ILE A 900 -51.05 -18.35 17.66
CA ILE A 900 -51.63 -18.55 16.34
C ILE A 900 -52.54 -17.39 15.93
N VAL A 901 -52.54 -16.33 16.74
CA VAL A 901 -53.36 -15.14 16.49
C VAL A 901 -53.26 -14.63 15.05
N SER A 902 -54.26 -14.97 14.24
CA SER A 902 -54.34 -14.56 12.83
C SER A 902 -53.30 -15.21 11.91
N SER A 903 -52.22 -15.69 12.50
CA SER A 903 -51.16 -16.33 11.73
C SER A 903 -51.73 -17.55 11.00
N GLU A 904 -52.19 -18.53 11.77
CA GLU A 904 -52.75 -19.76 11.24
C GLU A 904 -53.55 -19.54 9.96
N VAL A 905 -54.19 -18.37 9.88
CA VAL A 905 -54.99 -18.02 8.71
C VAL A 905 -54.23 -18.29 7.42
N PHE A 906 -53.27 -17.42 7.12
CA PHE A 906 -52.47 -17.53 5.91
C PHE A 906 -52.13 -18.97 5.51
N ARG A 907 -51.38 -19.64 6.37
CA ARG A 907 -50.96 -21.03 6.12
C ARG A 907 -52.01 -21.81 5.35
N VAL A 908 -53.26 -21.68 5.76
CA VAL A 908 -54.35 -22.36 5.10
C VAL A 908 -54.50 -21.81 3.70
N LEU A 909 -54.97 -20.57 3.61
CA LEU A 909 -55.18 -19.87 2.34
C LEU A 909 -54.15 -20.31 1.32
N VAL A 910 -52.88 -20.10 1.65
CA VAL A 910 -51.78 -20.48 0.78
C VAL A 910 -51.80 -22.01 0.70
N ALA A 911 -52.67 -22.53 -0.17
CA ALA A 911 -52.83 -23.96 -0.37
C ALA A 911 -54.03 -24.19 -1.26
N VAL A 912 -53.96 -23.73 -2.51
CA VAL A 912 -55.07 -23.89 -3.44
C VAL A 912 -54.67 -23.87 -4.91
N THR A 913 -54.31 -22.69 -5.40
CA THR A 913 -53.90 -22.56 -6.80
C THR A 913 -52.89 -21.45 -7.08
N LYS A 914 -52.33 -20.85 -6.02
CA LYS A 914 -51.35 -19.78 -6.18
C LYS A 914 -50.23 -20.15 -7.17
N LEU A 915 -50.13 -21.44 -7.49
CA LEU A 915 -49.13 -21.95 -8.43
C LEU A 915 -47.73 -21.71 -7.88
N GLY A 916 -47.58 -20.67 -7.07
CA GLY A 916 -46.32 -20.32 -6.46
C GLY A 916 -45.80 -21.47 -5.61
N THR A 917 -44.62 -21.30 -5.04
CA THR A 917 -44.02 -22.33 -4.19
C THR A 917 -44.11 -21.89 -2.73
N ILE A 918 -44.70 -20.71 -2.52
CA ILE A 918 -44.86 -20.18 -1.17
C ILE A 918 -45.70 -21.15 -0.36
N ASN A 919 -46.20 -22.17 -1.03
CA ASN A 919 -47.02 -23.20 -0.40
C ASN A 919 -46.16 -24.12 0.46
N GLN A 920 -44.87 -24.17 0.15
CA GLN A 920 -43.94 -25.01 0.90
C GLN A 920 -43.61 -24.41 2.26
N GLU A 921 -43.37 -23.11 2.28
CA GLU A 921 -43.06 -22.41 3.53
C GLU A 921 -44.37 -22.14 4.27
N ARG A 922 -45.48 -22.38 3.58
CA ARG A 922 -46.81 -22.18 4.15
C ARG A 922 -47.28 -23.46 4.80
N ALA A 923 -47.28 -24.55 4.03
CA ALA A 923 -47.69 -25.85 4.52
C ALA A 923 -46.64 -26.32 5.54
N GLY A 924 -45.61 -25.49 5.70
CA GLY A 924 -44.54 -25.76 6.65
C GLY A 924 -44.93 -25.26 8.03
N SER A 925 -45.63 -24.13 8.08
CA SER A 925 -46.09 -23.57 9.34
C SER A 925 -47.06 -24.59 9.94
N THR A 926 -47.55 -25.48 9.08
CA THR A 926 -48.50 -26.52 9.46
C THR A 926 -47.94 -27.55 10.44
N GLU A 927 -47.15 -28.49 9.92
CA GLU A 927 -46.55 -29.56 10.72
C GLU A 927 -46.22 -29.19 12.16
N GLN A 928 -45.98 -27.91 12.41
CA GLN A 928 -45.64 -27.42 13.74
C GLN A 928 -46.87 -27.33 14.67
N ALA A 929 -47.95 -28.02 14.32
CA ALA A 929 -49.15 -28.01 15.15
C ALA A 929 -49.40 -29.34 15.83
N LYS A 930 -48.58 -30.34 15.49
CA LYS A 930 -48.70 -31.67 16.07
C LYS A 930 -47.69 -31.83 17.23
N ALA B 3 -9.33 -4.08 41.70
CA ALA B 3 -10.00 -5.04 40.77
C ALA B 3 -10.25 -4.42 39.39
N SER B 4 -9.24 -4.48 38.52
CA SER B 4 -9.35 -3.94 37.16
C SER B 4 -8.93 -5.01 36.15
N ARG B 5 -9.89 -5.74 35.57
CA ARG B 5 -9.56 -6.78 34.59
C ARG B 5 -8.58 -6.12 33.64
N MET B 6 -7.67 -6.90 33.06
CA MET B 6 -6.65 -6.34 32.16
C MET B 6 -7.20 -5.52 31.00
N GLU B 7 -6.45 -5.43 29.90
CA GLU B 7 -6.91 -4.66 28.74
C GLU B 7 -7.48 -3.28 29.09
N GLU B 8 -6.71 -2.53 29.87
CA GLU B 8 -7.05 -1.17 30.29
C GLU B 8 -5.79 -0.58 30.95
N VAL B 9 -5.27 0.50 30.39
CA VAL B 9 -4.04 1.08 30.92
C VAL B 9 -4.16 2.19 31.96
N ASP B 10 -3.16 2.28 32.81
CA ASP B 10 -3.06 3.25 33.90
C ASP B 10 -1.93 4.27 33.78
#